data_6PUN
#
_entry.id   6PUN
#
_cell.length_a   42.751
_cell.length_b   74.380
_cell.length_c   81.547
_cell.angle_alpha   107.170
_cell.angle_beta   104.400
_cell.angle_gamma   101.760
#
_symmetry.space_group_name_H-M   'P 1'
#
loop_
_entity.id
_entity.type
_entity.pdbx_description
1 polymer 'Fem-3 mRNA-binding factor 2'
2 polymer "RNA (5'-R(*CP*UP*GP*UP*GP*AP*AP*U)-3')"
3 polymer LST-1
4 non-polymer GLYCEROL
5 non-polymer 1,2-ETHANEDIOL
6 non-polymer 'SODIUM ION'
7 water water
#
loop_
_entity_poly.entity_id
_entity_poly.type
_entity_poly.pdbx_seq_one_letter_code
_entity_poly.pdbx_strand_id
1 'polypeptide(L)'
;GSNNVLPTWSLDSNGEMRSRLSLSEVLDSGDLMKFAVDKTGCQFLEKAVKGSLTSYQKFQLFEQVIGRKDDFLKLSTNIF
GNYLVQSVIGISLATNDDGYTKRQEKLKNFISSQMTDMCLDKFACRVIQSSLQNMDLSLACKLVQALPRDARLIAICVDQ
NANHVIQKVVAVIPLKNWEFIVDFVATPEHLRQICSDKYGCRVVQTIIEKLTADSMNVDLTSAAQNLRERALQRLMTSVT
NRCQELATNEYANYIIQHIVSNDDLAVYRECIIEKCLMRNLLSLSQEKFASHVVEKAFLHAPLELLAEMMDEIFDGYIPH
PDTGKDALDIMMFHQFGNYVVQCMLTICCDAVSGRRQTKEGGYDHAISFQDWLKKLHSRVTKERHRLSRFSSGKKMIETL
ANLRSTHPIYELQ
;
A,C
2 'polyribonucleotide' CUGUGAAU B,D
3 'polypeptide(L)' GSNSSGLRSQKLHLTYIEKNKRVRAMIPQ E,F
#
loop_
_chem_comp.id
_chem_comp.type
_chem_comp.name
_chem_comp.formula
A RNA linking ADENOSINE-5'-MONOPHOSPHATE 'C10 H14 N5 O7 P'
C RNA linking CYTIDINE-5'-MONOPHOSPHATE 'C9 H14 N3 O8 P'
EDO non-polymer 1,2-ETHANEDIOL 'C2 H6 O2'
G RNA linking GUANOSINE-5'-MONOPHOSPHATE 'C10 H14 N5 O8 P'
GOL non-polymer GLYCEROL 'C3 H8 O3'
NA non-polymer 'SODIUM ION' 'Na 1'
U RNA linking URIDINE-5'-MONOPHOSPHATE 'C9 H13 N2 O9 P'
#
# COMPACT_ATOMS: atom_id res chain seq x y z
N VAL A 5 38.76 -18.09 -9.30
CA VAL A 5 38.22 -17.92 -7.95
C VAL A 5 38.69 -19.05 -7.04
N LEU A 6 38.70 -20.28 -7.56
CA LEU A 6 39.15 -21.41 -6.79
C LEU A 6 40.66 -21.33 -6.56
N PRO A 7 41.14 -21.83 -5.42
CA PRO A 7 42.59 -21.80 -5.16
C PRO A 7 43.34 -22.70 -6.13
N THR A 8 44.58 -22.29 -6.44
CA THR A 8 45.34 -22.97 -7.48
C THR A 8 45.67 -24.41 -7.11
N TRP A 9 45.79 -24.71 -5.81
CA TRP A 9 46.09 -26.08 -5.40
C TRP A 9 44.97 -27.05 -5.73
N SER A 10 43.75 -26.56 -5.93
CA SER A 10 42.61 -27.42 -6.24
C SER A 10 42.36 -27.56 -7.74
N LEU A 11 43.19 -26.95 -8.58
CA LEU A 11 42.98 -26.98 -10.02
C LEU A 11 43.93 -27.98 -10.68
N ASP A 12 43.45 -28.60 -11.77
CA ASP A 12 44.26 -29.55 -12.52
C ASP A 12 45.14 -28.79 -13.50
N SER A 13 45.76 -29.52 -14.44
CA SER A 13 46.66 -28.89 -15.39
C SER A 13 45.93 -27.99 -16.38
N ASN A 14 44.65 -28.26 -16.64
CA ASN A 14 43.87 -27.47 -17.58
C ASN A 14 43.23 -26.25 -16.94
N GLY A 15 43.27 -26.13 -15.62
CA GLY A 15 42.66 -25.02 -14.92
C GLY A 15 41.32 -25.31 -14.29
N GLU A 16 40.79 -26.51 -14.47
CA GLU A 16 39.51 -26.90 -13.88
C GLU A 16 39.73 -27.53 -12.51
N MET A 17 38.66 -27.56 -11.71
CA MET A 17 38.75 -28.12 -10.36
C MET A 17 39.07 -29.61 -10.43
N ARG A 18 39.97 -30.03 -9.54
CA ARG A 18 40.41 -31.43 -9.52
C ARG A 18 39.24 -32.35 -9.22
N SER A 19 39.10 -33.40 -10.02
CA SER A 19 38.07 -34.40 -9.80
C SER A 19 38.46 -35.35 -8.68
N ARG A 20 37.47 -35.83 -7.94
CA ARG A 20 37.67 -36.59 -6.71
C ARG A 20 38.57 -35.78 -5.79
N LEU A 21 37.97 -34.87 -5.04
CA LEU A 21 38.66 -34.17 -3.96
C LEU A 21 38.09 -34.64 -2.63
N SER A 22 38.92 -34.60 -1.60
CA SER A 22 38.47 -34.98 -0.26
C SER A 22 37.91 -33.76 0.45
N LEU A 23 36.77 -33.95 1.12
CA LEU A 23 36.18 -32.86 1.89
C LEU A 23 37.13 -32.37 2.97
N SER A 24 37.93 -33.27 3.54
CA SER A 24 38.87 -32.87 4.58
C SER A 24 39.95 -31.94 4.04
N GLU A 25 40.37 -32.13 2.79
CA GLU A 25 41.37 -31.24 2.21
C GLU A 25 40.83 -29.83 2.05
N VAL A 26 39.55 -29.70 1.69
CA VAL A 26 38.94 -28.38 1.59
C VAL A 26 38.78 -27.75 2.97
N LEU A 27 38.35 -28.56 3.95
CA LEU A 27 38.15 -28.04 5.31
C LEU A 27 39.46 -27.59 5.93
N ASP A 28 40.53 -28.37 5.75
CA ASP A 28 41.82 -28.06 6.34
C ASP A 28 42.58 -26.96 5.61
N SER A 29 42.14 -26.57 4.41
CA SER A 29 42.89 -25.60 3.61
C SER A 29 42.60 -24.16 4.00
N GLY A 30 41.47 -23.89 4.66
CA GLY A 30 41.06 -22.54 4.91
C GLY A 30 40.48 -21.81 3.71
N ASP A 31 40.24 -22.52 2.60
CA ASP A 31 39.72 -21.92 1.38
C ASP A 31 38.27 -22.31 1.11
N LEU A 32 37.52 -22.72 2.15
CA LEU A 32 36.14 -23.11 1.95
C LEU A 32 35.30 -21.98 1.39
N MET A 33 35.59 -20.73 1.78
CA MET A 33 34.80 -19.61 1.31
C MET A 33 34.93 -19.42 -0.20
N LYS A 34 36.05 -19.83 -0.78
CA LYS A 34 36.18 -19.78 -2.24
C LYS A 34 35.35 -20.87 -2.90
N PHE A 35 35.35 -22.07 -2.34
CA PHE A 35 34.56 -23.16 -2.90
C PHE A 35 33.07 -22.87 -2.79
N ALA A 36 32.63 -22.30 -1.66
CA ALA A 36 31.20 -22.13 -1.40
C ALA A 36 30.56 -21.09 -2.32
N VAL A 37 31.34 -20.16 -2.87
CA VAL A 37 30.81 -19.15 -3.77
C VAL A 37 31.08 -19.48 -5.23
N ASP A 38 31.62 -20.66 -5.49
CA ASP A 38 31.86 -21.14 -6.86
C ASP A 38 30.86 -22.23 -7.19
N LYS A 39 30.33 -22.19 -8.41
CA LYS A 39 29.30 -23.15 -8.81
C LYS A 39 29.80 -24.58 -8.70
N THR A 40 30.98 -24.85 -9.27
CA THR A 40 31.52 -26.20 -9.20
C THR A 40 31.94 -26.57 -7.79
N GLY A 41 32.59 -25.63 -7.09
CA GLY A 41 33.04 -25.91 -5.73
C GLY A 41 31.90 -26.14 -4.76
N CYS A 42 30.82 -25.38 -4.90
CA CYS A 42 29.69 -25.53 -3.99
C CYS A 42 28.88 -26.78 -4.28
N GLN A 43 28.80 -27.20 -5.56
CA GLN A 43 28.20 -28.48 -5.88
C GLN A 43 28.98 -29.62 -5.23
N PHE A 44 30.31 -29.49 -5.16
CA PHE A 44 31.13 -30.50 -4.51
C PHE A 44 30.84 -30.55 -3.01
N LEU A 45 30.78 -29.38 -2.36
CA LEU A 45 30.54 -29.34 -0.92
C LEU A 45 29.14 -29.84 -0.57
N GLU A 46 28.16 -29.54 -1.43
CA GLU A 46 26.79 -29.97 -1.16
C GLU A 46 26.68 -31.48 -1.12
N LYS A 47 27.35 -32.18 -2.05
CA LYS A 47 27.32 -33.64 -2.04
C LYS A 47 28.16 -34.20 -0.91
N ALA A 48 29.27 -33.52 -0.58
CA ALA A 48 30.15 -34.01 0.47
C ALA A 48 29.45 -34.03 1.82
N VAL A 49 28.75 -32.94 2.16
CA VAL A 49 28.06 -32.86 3.45
C VAL A 49 26.82 -33.75 3.50
N LYS A 50 26.49 -34.43 2.40
CA LYS A 50 25.39 -35.39 2.43
C LYS A 50 25.83 -36.76 2.95
N GLY A 51 27.11 -37.07 2.89
CA GLY A 51 27.63 -38.33 3.37
C GLY A 51 27.96 -38.27 4.85
N SER A 52 28.53 -39.37 5.34
CA SER A 52 28.91 -39.45 6.74
C SER A 52 30.06 -38.50 7.04
N LEU A 53 29.99 -37.84 8.19
CA LEU A 53 30.99 -36.86 8.59
C LEU A 53 31.53 -37.22 9.97
N THR A 54 32.84 -37.07 10.14
CA THR A 54 33.45 -37.31 11.43
C THR A 54 33.07 -36.22 12.42
N SER A 55 33.49 -36.39 13.67
CA SER A 55 33.18 -35.40 14.70
C SER A 55 33.82 -34.06 14.39
N TYR A 56 35.12 -34.06 14.07
CA TYR A 56 35.83 -32.81 13.82
C TYR A 56 35.45 -32.21 12.47
N GLN A 57 35.05 -33.04 11.50
CA GLN A 57 34.58 -32.51 10.22
C GLN A 57 33.32 -31.68 10.42
N LYS A 58 32.41 -32.15 11.30
CA LYS A 58 31.22 -31.36 11.61
C LYS A 58 31.59 -30.05 12.29
N PHE A 59 32.53 -30.10 13.24
CA PHE A 59 32.94 -28.88 13.93
C PHE A 59 33.58 -27.90 12.97
N GLN A 60 34.41 -28.39 12.03
CA GLN A 60 35.00 -27.51 11.03
C GLN A 60 33.93 -26.87 10.17
N LEU A 61 32.90 -27.63 9.80
CA LEU A 61 31.79 -27.07 9.04
C LEU A 61 31.01 -26.06 9.87
N PHE A 62 30.80 -26.34 11.16
CA PHE A 62 30.07 -25.41 12.01
C PHE A 62 30.82 -24.10 12.14
N GLU A 63 32.14 -24.16 12.30
CA GLU A 63 32.92 -22.95 12.53
C GLU A 63 33.10 -22.12 11.26
N GLN A 64 33.33 -22.78 10.13
CA GLN A 64 33.65 -22.05 8.90
C GLN A 64 32.41 -21.58 8.14
N VAL A 65 31.26 -22.22 8.34
CA VAL A 65 30.04 -21.88 7.62
C VAL A 65 29.08 -21.05 8.49
N ILE A 66 28.81 -21.51 9.71
CA ILE A 66 27.86 -20.84 10.58
C ILE A 66 28.52 -20.37 11.89
N GLY A 67 29.85 -20.26 11.89
CA GLY A 67 30.55 -19.90 13.11
C GLY A 67 31.02 -18.46 13.17
N ARG A 68 31.30 -17.87 12.00
CA ARG A 68 31.78 -16.50 11.90
C ARG A 68 30.72 -15.64 11.21
N LYS A 69 30.43 -14.48 11.80
CA LYS A 69 29.29 -13.69 11.37
C LYS A 69 29.43 -13.21 9.93
N ASP A 70 30.59 -12.62 9.60
CA ASP A 70 30.76 -12.04 8.27
C ASP A 70 30.76 -13.13 7.19
N ASP A 71 31.37 -14.28 7.46
CA ASP A 71 31.35 -15.37 6.49
C ASP A 71 29.96 -15.98 6.38
N PHE A 72 29.25 -16.09 7.50
CA PHE A 72 27.88 -16.61 7.49
C PHE A 72 26.98 -15.75 6.61
N LEU A 73 27.08 -14.43 6.76
CA LEU A 73 26.26 -13.52 5.96
C LEU A 73 26.66 -13.56 4.49
N LYS A 74 27.96 -13.64 4.22
CA LYS A 74 28.41 -13.68 2.82
C LYS A 74 27.91 -14.93 2.12
N LEU A 75 27.92 -16.07 2.81
CA LEU A 75 27.44 -17.31 2.21
C LEU A 75 25.92 -17.33 2.15
N SER A 76 25.25 -16.77 3.15
CA SER A 76 23.79 -16.78 3.16
C SER A 76 23.22 -15.95 2.03
N THR A 77 23.90 -14.87 1.64
CA THR A 77 23.46 -14.00 0.56
C THR A 77 24.05 -14.38 -0.79
N ASN A 78 24.74 -15.51 -0.87
CA ASN A 78 25.34 -15.95 -2.13
C ASN A 78 24.40 -16.89 -2.87
N ILE A 79 24.46 -16.81 -4.20
CA ILE A 79 23.59 -17.63 -5.04
C ILE A 79 23.86 -19.11 -4.83
N PHE A 80 25.10 -19.48 -4.51
CA PHE A 80 25.46 -20.86 -4.26
C PHE A 80 25.65 -21.17 -2.78
N GLY A 81 26.28 -20.28 -2.02
CA GLY A 81 26.60 -20.54 -0.64
C GLY A 81 25.39 -20.71 0.26
N ASN A 82 24.23 -20.20 -0.15
CA ASN A 82 23.04 -20.32 0.70
C ASN A 82 22.58 -21.77 0.83
N TYR A 83 22.85 -22.59 -0.18
CA TYR A 83 22.55 -24.02 -0.07
C TYR A 83 23.42 -24.69 0.98
N LEU A 84 24.71 -24.35 1.00
CA LEU A 84 25.62 -24.94 1.99
C LEU A 84 25.25 -24.51 3.40
N VAL A 85 24.83 -23.25 3.56
CA VAL A 85 24.45 -22.75 4.88
C VAL A 85 23.26 -23.54 5.42
N GLN A 86 22.25 -23.76 4.58
CA GLN A 86 21.08 -24.53 5.02
C GLN A 86 21.45 -25.95 5.37
N SER A 87 22.34 -26.57 4.59
CA SER A 87 22.78 -27.92 4.89
C SER A 87 23.52 -27.98 6.23
N VAL A 88 24.41 -27.03 6.47
CA VAL A 88 25.18 -27.02 7.71
C VAL A 88 24.26 -26.72 8.90
N ILE A 89 23.28 -25.83 8.71
CA ILE A 89 22.30 -25.58 9.76
C ILE A 89 21.54 -26.86 10.09
N GLY A 90 21.16 -27.62 9.05
CA GLY A 90 20.48 -28.89 9.30
C GLY A 90 21.35 -29.89 10.05
N ILE A 91 22.63 -29.99 9.67
CA ILE A 91 23.55 -30.86 10.37
C ILE A 91 23.75 -30.38 11.81
N SER A 92 23.79 -29.07 12.01
CA SER A 92 23.99 -28.52 13.35
C SER A 92 22.82 -28.86 14.26
N LEU A 93 21.59 -28.80 13.73
CA LEU A 93 20.41 -29.12 14.53
C LEU A 93 20.28 -30.62 14.78
N ALA A 94 20.91 -31.45 13.96
CA ALA A 94 20.85 -32.89 14.11
C ALA A 94 22.00 -33.45 14.95
N THR A 95 22.93 -32.61 15.38
CA THR A 95 24.08 -33.04 16.18
C THR A 95 23.90 -32.52 17.59
N ASN A 96 23.51 -33.41 18.50
CA ASN A 96 23.22 -33.03 19.88
C ASN A 96 24.44 -33.29 20.78
N ASP A 97 25.53 -32.61 20.46
CA ASP A 97 26.73 -32.68 21.29
C ASP A 97 26.63 -31.65 22.41
N ASP A 98 27.74 -31.41 23.10
CA ASP A 98 27.74 -30.46 24.21
C ASP A 98 27.65 -29.02 23.70
N GLY A 99 28.29 -28.72 22.57
CA GLY A 99 28.24 -27.40 21.99
C GLY A 99 26.97 -27.05 21.26
N TYR A 100 25.92 -27.88 21.39
CA TYR A 100 24.68 -27.63 20.66
C TYR A 100 24.05 -26.31 21.09
N THR A 101 24.02 -26.03 22.39
CA THR A 101 23.37 -24.82 22.89
C THR A 101 24.04 -23.57 22.34
N LYS A 102 25.36 -23.48 22.49
CA LYS A 102 26.08 -22.28 22.07
C LYS A 102 26.04 -22.09 20.56
N ARG A 103 25.91 -23.17 19.79
CA ARG A 103 25.88 -23.06 18.34
C ARG A 103 24.58 -22.40 17.87
N GLN A 104 23.44 -22.95 18.29
CA GLN A 104 22.16 -22.37 17.89
C GLN A 104 21.96 -20.99 18.48
N GLU A 105 22.52 -20.73 19.67
CA GLU A 105 22.45 -19.40 20.25
C GLU A 105 23.22 -18.40 19.39
N LYS A 106 24.41 -18.78 18.91
CA LYS A 106 25.17 -17.89 18.05
C LYS A 106 24.50 -17.75 16.69
N LEU A 107 23.91 -18.83 16.17
CA LEU A 107 23.15 -18.74 14.93
C LEU A 107 21.96 -17.80 15.07
N LYS A 108 21.26 -17.87 16.20
CA LYS A 108 20.14 -16.97 16.45
C LYS A 108 20.59 -15.52 16.49
N ASN A 109 21.73 -15.25 17.14
CA ASN A 109 22.22 -13.88 17.23
C ASN A 109 22.65 -13.35 15.87
N PHE A 110 23.20 -14.22 15.02
CA PHE A 110 23.59 -13.79 13.67
C PHE A 110 22.37 -13.38 12.86
N ILE A 111 21.34 -14.23 12.82
CA ILE A 111 20.16 -13.93 12.03
C ILE A 111 19.40 -12.74 12.61
N SER A 112 19.22 -12.72 13.94
CA SER A 112 18.40 -11.69 14.56
C SER A 112 18.95 -10.29 14.30
N SER A 113 20.29 -10.15 14.33
CA SER A 113 20.90 -8.84 14.14
C SER A 113 20.74 -8.33 12.72
N GLN A 114 20.52 -9.21 11.74
CA GLN A 114 20.36 -8.84 10.34
C GLN A 114 19.07 -9.43 9.78
N MET A 115 18.01 -9.44 10.59
CA MET A 115 16.78 -10.15 10.22
C MET A 115 16.16 -9.56 8.96
N THR A 116 15.90 -8.25 8.96
CA THR A 116 15.23 -7.63 7.81
C THR A 116 16.10 -7.69 6.57
N ASP A 117 17.41 -7.46 6.72
CA ASP A 117 18.31 -7.50 5.57
C ASP A 117 18.34 -8.89 4.94
N MET A 118 18.31 -9.94 5.77
CA MET A 118 18.31 -11.30 5.23
C MET A 118 16.95 -11.67 4.64
N CYS A 119 15.85 -11.15 5.24
CA CYS A 119 14.53 -11.46 4.72
C CYS A 119 14.33 -10.92 3.31
N LEU A 120 14.86 -9.73 3.04
CA LEU A 120 14.67 -9.09 1.75
C LEU A 120 15.66 -9.56 0.69
N ASP A 121 16.62 -10.41 1.06
CA ASP A 121 17.59 -10.92 0.11
C ASP A 121 17.06 -12.18 -0.57
N LYS A 122 17.31 -12.28 -1.88
CA LYS A 122 16.75 -13.39 -2.66
C LYS A 122 17.20 -14.74 -2.12
N PHE A 123 18.45 -14.82 -1.64
CA PHE A 123 19.01 -16.10 -1.19
C PHE A 123 19.01 -16.24 0.32
N ALA A 124 19.23 -15.15 1.06
CA ALA A 124 19.25 -15.23 2.52
C ALA A 124 17.88 -15.54 3.11
N CYS A 125 16.80 -15.20 2.40
CA CYS A 125 15.47 -15.53 2.92
C CYS A 125 15.23 -17.03 2.94
N ARG A 126 15.92 -17.78 2.07
CA ARG A 126 15.83 -19.24 2.12
C ARG A 126 16.47 -19.78 3.40
N VAL A 127 17.56 -19.17 3.83
CA VAL A 127 18.19 -19.58 5.08
C VAL A 127 17.25 -19.34 6.26
N ILE A 128 16.51 -18.23 6.21
CA ILE A 128 15.57 -17.92 7.28
C ILE A 128 14.39 -18.88 7.27
N GLN A 129 13.88 -19.20 6.08
CA GLN A 129 12.75 -20.12 5.99
C GLN A 129 13.14 -21.53 6.46
N SER A 130 14.32 -22.01 6.04
CA SER A 130 14.76 -23.32 6.49
C SER A 130 15.09 -23.34 7.97
N SER A 131 15.53 -22.20 8.53
CA SER A 131 15.74 -22.12 9.96
C SER A 131 14.43 -22.26 10.72
N LEU A 132 13.44 -21.42 10.37
CA LEU A 132 12.15 -21.45 11.06
C LEU A 132 11.55 -22.86 11.06
N GLN A 133 11.75 -23.61 9.98
CA GLN A 133 11.14 -24.93 9.88
C GLN A 133 11.85 -25.95 10.78
N ASN A 134 13.18 -25.87 10.86
CA ASN A 134 13.95 -26.95 11.49
C ASN A 134 14.45 -26.62 12.89
N MET A 135 14.55 -25.35 13.28
CA MET A 135 15.13 -25.03 14.57
C MET A 135 14.19 -25.41 15.71
N ASP A 136 14.77 -25.45 16.91
CA ASP A 136 13.98 -25.51 18.14
C ASP A 136 12.92 -24.40 18.13
N LEU A 137 11.70 -24.75 18.54
CA LEU A 137 10.63 -23.78 18.52
C LEU A 137 10.95 -22.57 19.40
N SER A 138 11.62 -22.81 20.53
CA SER A 138 12.02 -21.69 21.39
C SER A 138 13.01 -20.77 20.68
N LEU A 139 13.89 -21.34 19.87
CA LEU A 139 14.85 -20.51 19.13
C LEU A 139 14.22 -19.90 17.89
N ALA A 140 13.31 -20.62 17.22
CA ALA A 140 12.64 -20.06 16.06
C ALA A 140 11.76 -18.87 16.43
N CYS A 141 11.15 -18.89 17.62
CA CYS A 141 10.35 -17.76 18.05
C CYS A 141 11.19 -16.51 18.28
N LYS A 142 12.45 -16.69 18.67
CA LYS A 142 13.33 -15.53 18.86
C LYS A 142 13.66 -14.88 17.52
N LEU A 143 13.69 -15.66 16.44
CA LEU A 143 13.80 -15.06 15.11
C LEU A 143 12.56 -14.24 14.79
N VAL A 144 11.38 -14.73 15.17
CA VAL A 144 10.14 -13.99 14.94
C VAL A 144 10.16 -12.69 15.72
N GLN A 145 10.71 -12.71 16.93
CA GLN A 145 10.82 -11.49 17.73
C GLN A 145 11.76 -10.47 17.11
N ALA A 146 12.63 -10.89 16.20
CA ALA A 146 13.54 -9.96 15.52
C ALA A 146 12.88 -9.28 14.32
N LEU A 147 11.69 -9.70 13.93
CA LEU A 147 10.98 -9.03 12.85
C LEU A 147 10.58 -7.62 13.29
N PRO A 148 10.66 -6.63 12.40
CA PRO A 148 10.30 -5.27 12.79
C PRO A 148 8.81 -5.15 13.07
N ARG A 149 8.49 -4.25 14.01
CA ARG A 149 7.11 -3.98 14.40
C ARG A 149 6.55 -2.71 13.80
N ASP A 150 7.37 -1.90 13.15
CA ASP A 150 6.94 -0.62 12.62
C ASP A 150 6.59 -0.71 11.14
N ALA A 151 6.70 0.41 10.42
CA ALA A 151 6.32 0.45 9.01
C ALA A 151 7.19 -0.46 8.15
N ARG A 152 8.36 -0.87 8.64
CA ARG A 152 9.19 -1.79 7.88
C ARG A 152 8.51 -3.14 7.69
N LEU A 153 7.49 -3.46 8.48
CA LEU A 153 6.74 -4.69 8.28
C LEU A 153 5.97 -4.68 6.96
N ILE A 154 5.64 -3.50 6.43
CA ILE A 154 5.02 -3.42 5.11
C ILE A 154 5.97 -3.96 4.05
N ALA A 155 7.24 -3.56 4.12
CA ALA A 155 8.23 -4.01 3.15
C ALA A 155 8.35 -5.53 3.15
N ILE A 156 8.27 -6.14 4.33
CA ILE A 156 8.44 -7.58 4.43
C ILE A 156 7.22 -8.31 3.86
N CYS A 157 6.03 -7.74 4.04
CA CYS A 157 4.82 -8.40 3.55
C CYS A 157 4.71 -8.32 2.04
N VAL A 158 5.18 -7.23 1.42
CA VAL A 158 4.98 -7.01 -0.01
C VAL A 158 6.21 -7.34 -0.84
N ASP A 159 7.30 -7.78 -0.21
CA ASP A 159 8.52 -8.08 -0.95
C ASP A 159 8.43 -9.46 -1.61
N GLN A 160 9.04 -9.55 -2.79
CA GLN A 160 9.02 -10.82 -3.54
C GLN A 160 9.62 -11.95 -2.74
N ASN A 161 10.66 -11.67 -1.95
CA ASN A 161 11.31 -12.70 -1.16
C ASN A 161 10.79 -12.77 0.27
N ALA A 162 10.67 -11.61 0.92
CA ALA A 162 10.35 -11.58 2.34
C ALA A 162 8.94 -12.06 2.65
N ASN A 163 8.01 -11.98 1.68
CA ASN A 163 6.65 -12.44 1.93
C ASN A 163 6.60 -13.93 2.24
N HIS A 164 7.54 -14.70 1.67
CA HIS A 164 7.60 -16.13 1.96
C HIS A 164 8.09 -16.41 3.37
N VAL A 165 8.83 -15.47 3.98
CA VAL A 165 9.21 -15.63 5.38
C VAL A 165 7.98 -15.51 6.28
N ILE A 166 7.13 -14.52 6.02
CA ILE A 166 5.91 -14.34 6.80
C ILE A 166 5.02 -15.58 6.69
N GLN A 167 4.86 -16.09 5.47
CA GLN A 167 4.02 -17.26 5.27
C GLN A 167 4.60 -18.49 5.96
N LYS A 168 5.93 -18.58 6.04
CA LYS A 168 6.54 -19.67 6.79
C LYS A 168 6.29 -19.52 8.27
N VAL A 169 6.34 -18.29 8.79
CA VAL A 169 6.02 -18.05 10.19
C VAL A 169 4.58 -18.46 10.48
N VAL A 170 3.65 -18.07 9.60
CA VAL A 170 2.26 -18.41 9.78
C VAL A 170 2.05 -19.93 9.81
N ALA A 171 2.89 -20.68 9.09
CA ALA A 171 2.67 -22.11 8.95
C ALA A 171 3.19 -22.90 10.14
N VAL A 172 4.33 -22.50 10.71
CA VAL A 172 5.02 -23.33 11.69
C VAL A 172 5.11 -22.69 13.07
N ILE A 173 4.86 -21.40 13.21
CA ILE A 173 5.01 -20.71 14.49
C ILE A 173 3.65 -20.57 15.15
N PRO A 174 3.53 -20.81 16.46
CA PRO A 174 2.24 -20.59 17.14
C PRO A 174 1.74 -19.17 16.98
N LEU A 175 0.42 -19.03 16.92
CA LEU A 175 -0.20 -17.74 16.63
C LEU A 175 0.19 -16.68 17.67
N LYS A 176 0.39 -17.10 18.92
CA LYS A 176 0.74 -16.14 19.98
C LYS A 176 1.95 -15.30 19.61
N ASN A 177 2.90 -15.88 18.86
CA ASN A 177 4.13 -15.18 18.54
C ASN A 177 4.02 -14.27 17.32
N TRP A 178 3.03 -14.49 16.45
CA TRP A 178 2.85 -13.65 15.28
C TRP A 178 1.48 -12.99 15.21
N GLU A 179 0.79 -12.88 16.35
CA GLU A 179 -0.48 -12.15 16.36
C GLU A 179 -0.27 -10.68 16.00
N PHE A 180 0.93 -10.14 16.28
CA PHE A 180 1.20 -8.75 15.94
C PHE A 180 1.14 -8.51 14.43
N ILE A 181 1.39 -9.55 13.64
CA ILE A 181 1.28 -9.42 12.18
C ILE A 181 -0.19 -9.29 11.77
N VAL A 182 -1.08 -10.03 12.44
CA VAL A 182 -2.50 -9.90 12.17
C VAL A 182 -2.99 -8.50 12.50
N ASP A 183 -2.58 -7.97 13.67
CA ASP A 183 -2.96 -6.62 14.05
C ASP A 183 -2.44 -5.59 13.06
N PHE A 184 -1.21 -5.78 12.57
CA PHE A 184 -0.60 -4.82 11.67
C PHE A 184 -1.35 -4.76 10.34
N VAL A 185 -1.63 -5.93 9.75
CA VAL A 185 -2.28 -5.95 8.44
C VAL A 185 -3.74 -5.52 8.57
N ALA A 186 -4.38 -5.79 9.71
CA ALA A 186 -5.78 -5.42 9.88
C ALA A 186 -5.99 -3.93 10.05
N THR A 187 -4.93 -3.17 10.33
CA THR A 187 -5.04 -1.72 10.46
C THR A 187 -5.51 -1.13 9.13
N PRO A 188 -6.44 -0.18 9.14
CA PRO A 188 -6.96 0.37 7.87
C PRO A 188 -5.90 0.88 6.92
N GLU A 189 -4.93 1.66 7.43
CA GLU A 189 -3.89 2.21 6.56
C GLU A 189 -2.96 1.14 6.01
N HIS A 190 -3.00 -0.08 6.55
CA HIS A 190 -2.14 -1.17 6.08
C HIS A 190 -2.89 -2.23 5.29
N LEU A 191 -4.19 -2.40 5.52
CA LEU A 191 -4.92 -3.49 4.89
C LEU A 191 -4.99 -3.32 3.38
N ARG A 192 -5.48 -2.16 2.92
CA ARG A 192 -5.67 -1.97 1.49
C ARG A 192 -4.34 -1.96 0.74
N GLN A 193 -3.29 -1.40 1.33
CA GLN A 193 -2.01 -1.34 0.64
C GLN A 193 -1.29 -2.68 0.62
N ILE A 194 -1.63 -3.60 1.51
CA ILE A 194 -1.05 -4.93 1.52
C ILE A 194 -1.92 -5.94 0.77
N CYS A 195 -3.24 -5.88 0.98
CA CYS A 195 -4.14 -6.76 0.24
C CYS A 195 -4.10 -6.49 -1.26
N SER A 196 -3.87 -5.24 -1.65
CA SER A 196 -3.82 -4.87 -3.06
C SER A 196 -2.44 -5.07 -3.69
N ASP A 197 -1.53 -5.74 -2.99
CA ASP A 197 -0.21 -6.05 -3.52
C ASP A 197 -0.19 -7.48 -4.02
N LYS A 198 0.63 -7.72 -5.05
CA LYS A 198 0.74 -9.07 -5.62
C LYS A 198 1.18 -10.08 -4.58
N TYR A 199 2.20 -9.74 -3.79
CA TYR A 199 2.70 -10.65 -2.78
C TYR A 199 2.01 -10.47 -1.44
N GLY A 200 1.59 -9.24 -1.12
CA GLY A 200 0.91 -9.00 0.14
C GLY A 200 -0.43 -9.70 0.24
N CYS A 201 -1.15 -9.83 -0.88
CA CYS A 201 -2.42 -10.55 -0.85
C CYS A 201 -2.21 -12.03 -0.57
N ARG A 202 -1.08 -12.58 -0.99
CA ARG A 202 -0.76 -13.97 -0.63
C ARG A 202 -0.54 -14.09 0.88
N VAL A 203 0.06 -13.07 1.50
CA VAL A 203 0.25 -13.09 2.94
C VAL A 203 -1.10 -13.06 3.65
N VAL A 204 -1.99 -12.16 3.22
CA VAL A 204 -3.29 -12.03 3.86
C VAL A 204 -4.11 -13.31 3.69
N GLN A 205 -4.11 -13.89 2.49
CA GLN A 205 -4.86 -15.12 2.26
C GLN A 205 -4.33 -16.26 3.12
N THR A 206 -3.00 -16.41 3.18
CA THR A 206 -2.41 -17.46 4.01
C THR A 206 -2.77 -17.27 5.47
N ILE A 207 -2.80 -16.02 5.94
CA ILE A 207 -3.21 -15.75 7.31
C ILE A 207 -4.65 -16.16 7.54
N ILE A 208 -5.54 -15.83 6.59
CA ILE A 208 -6.95 -16.20 6.73
C ILE A 208 -7.10 -17.72 6.73
N GLU A 209 -6.39 -18.40 5.83
CA GLU A 209 -6.50 -19.86 5.75
C GLU A 209 -6.03 -20.53 7.03
N LYS A 210 -4.95 -20.01 7.63
CA LYS A 210 -4.43 -20.61 8.86
C LYS A 210 -5.35 -20.35 10.04
N LEU A 211 -5.86 -19.12 10.16
CA LEU A 211 -6.80 -18.81 11.23
C LEU A 211 -8.12 -19.53 11.08
N THR A 212 -8.41 -20.05 9.89
CA THR A 212 -9.65 -20.81 9.68
C THR A 212 -9.46 -22.27 10.06
N ALA A 213 -8.40 -22.89 9.57
CA ALA A 213 -8.12 -24.31 9.83
C ALA A 213 -7.86 -24.55 11.32
N LEU A 220 -6.87 -26.23 19.96
CA LEU A 220 -6.28 -26.72 21.19
C LEU A 220 -7.09 -26.25 22.40
N THR A 221 -6.48 -25.44 23.25
CA THR A 221 -7.14 -24.96 24.45
C THR A 221 -8.18 -23.90 24.09
N SER A 222 -9.04 -23.59 25.06
CA SER A 222 -10.00 -22.51 24.88
C SER A 222 -9.31 -21.16 24.76
N ALA A 223 -8.18 -20.98 25.45
CA ALA A 223 -7.41 -19.75 25.32
C ALA A 223 -6.80 -19.63 23.93
N ALA A 224 -6.35 -20.75 23.36
CA ALA A 224 -5.84 -20.72 21.99
C ALA A 224 -6.94 -20.45 21.00
N GLN A 225 -8.13 -21.04 21.21
CA GLN A 225 -9.25 -20.78 20.32
C GLN A 225 -9.69 -19.33 20.42
N ASN A 226 -9.73 -18.77 21.63
CA ASN A 226 -10.06 -17.36 21.79
C ASN A 226 -9.06 -16.47 21.07
N LEU A 227 -7.78 -16.85 21.12
CA LEU A 227 -6.76 -16.11 20.37
C LEU A 227 -7.01 -16.21 18.88
N ARG A 228 -7.34 -17.40 18.39
CA ARG A 228 -7.58 -17.59 16.96
C ARG A 228 -8.85 -16.86 16.52
N GLU A 229 -9.90 -16.89 17.33
CA GLU A 229 -11.16 -16.26 16.94
C GLU A 229 -11.05 -14.75 16.95
N ARG A 230 -10.36 -14.17 17.95
CA ARG A 230 -10.27 -12.72 18.03
C ARG A 230 -9.36 -12.16 16.94
N ALA A 231 -8.33 -12.91 16.53
CA ALA A 231 -7.47 -12.45 15.45
C ALA A 231 -8.20 -12.52 14.11
N LEU A 232 -8.95 -13.60 13.89
CA LEU A 232 -9.75 -13.70 12.67
C LEU A 232 -10.84 -12.64 12.64
N GLN A 233 -11.48 -12.38 13.79
CA GLN A 233 -12.53 -11.37 13.84
C GLN A 233 -12.00 -9.99 13.49
N ARG A 234 -10.83 -9.64 14.01
CA ARG A 234 -10.25 -8.32 13.71
C ARG A 234 -9.94 -8.18 12.22
N LEU A 235 -9.39 -9.23 11.61
CA LEU A 235 -9.06 -9.16 10.19
C LEU A 235 -10.32 -9.14 9.33
N MET A 236 -11.33 -9.91 9.71
CA MET A 236 -12.57 -9.94 8.94
C MET A 236 -13.29 -8.61 9.00
N THR A 237 -13.32 -7.97 10.18
CA THR A 237 -13.96 -6.67 10.30
C THR A 237 -13.30 -5.64 9.38
N SER A 238 -11.97 -5.63 9.33
CA SER A 238 -11.28 -4.68 8.45
C SER A 238 -11.55 -4.99 6.99
N VAL A 239 -11.63 -6.27 6.63
CA VAL A 239 -11.87 -6.64 5.23
C VAL A 239 -13.29 -6.24 4.82
N THR A 240 -14.29 -6.52 5.68
CA THR A 240 -15.65 -6.15 5.35
C THR A 240 -15.85 -4.64 5.32
N ASN A 241 -15.07 -3.90 6.11
CA ASN A 241 -15.19 -2.45 6.10
C ASN A 241 -14.70 -1.84 4.79
N ARG A 242 -13.86 -2.57 4.03
CA ARG A 242 -13.30 -2.07 2.78
C ARG A 242 -13.53 -3.04 1.63
N CYS A 243 -14.48 -3.96 1.77
CA CYS A 243 -14.62 -5.03 0.78
C CYS A 243 -15.03 -4.51 -0.58
N GLN A 244 -15.69 -3.36 -0.64
CA GLN A 244 -16.03 -2.77 -1.94
C GLN A 244 -14.77 -2.39 -2.71
N GLU A 245 -13.80 -1.77 -2.04
CA GLU A 245 -12.54 -1.46 -2.69
C GLU A 245 -11.70 -2.72 -2.90
N LEU A 246 -11.83 -3.71 -2.02
CA LEU A 246 -11.04 -4.92 -2.16
C LEU A 246 -11.57 -5.82 -3.26
N ALA A 247 -12.90 -5.92 -3.40
CA ALA A 247 -13.48 -6.81 -4.40
C ALA A 247 -13.18 -6.34 -5.82
N THR A 248 -13.10 -5.04 -6.04
CA THR A 248 -12.80 -4.49 -7.35
C THR A 248 -11.31 -4.39 -7.63
N ASN A 249 -10.46 -4.84 -6.70
CA ASN A 249 -9.01 -4.68 -6.83
C ASN A 249 -8.40 -5.84 -7.60
N GLU A 250 -7.28 -5.55 -8.27
CA GLU A 250 -6.62 -6.53 -9.12
C GLU A 250 -6.16 -7.76 -8.33
N TYR A 251 -5.73 -7.56 -7.08
CA TYR A 251 -5.24 -8.65 -6.25
C TYR A 251 -6.13 -8.95 -5.05
N ALA A 252 -6.71 -7.92 -4.43
CA ALA A 252 -7.51 -8.14 -3.23
C ALA A 252 -8.80 -8.89 -3.53
N ASN A 253 -9.22 -8.97 -4.79
CA ASN A 253 -10.43 -9.70 -5.13
C ASN A 253 -10.33 -11.17 -4.77
N TYR A 254 -9.10 -11.71 -4.77
CA TYR A 254 -8.91 -13.09 -4.35
C TYR A 254 -9.19 -13.27 -2.87
N ILE A 255 -8.97 -12.23 -2.07
CA ILE A 255 -9.28 -12.30 -0.64
C ILE A 255 -10.78 -12.41 -0.42
N ILE A 256 -11.55 -11.55 -1.10
CA ILE A 256 -13.00 -11.58 -0.98
C ILE A 256 -13.55 -12.91 -1.47
N GLN A 257 -12.99 -13.44 -2.57
CA GLN A 257 -13.46 -14.71 -3.10
C GLN A 257 -13.21 -15.84 -2.09
N HIS A 258 -12.02 -15.89 -1.50
CA HIS A 258 -11.71 -16.95 -0.55
C HIS A 258 -12.66 -16.92 0.64
N ILE A 259 -13.02 -15.72 1.11
CA ILE A 259 -13.93 -15.61 2.24
C ILE A 259 -15.32 -16.08 1.84
N VAL A 260 -15.80 -15.65 0.67
CA VAL A 260 -17.14 -16.04 0.22
C VAL A 260 -17.20 -17.54 -0.04
N SER A 261 -16.10 -18.14 -0.52
CA SER A 261 -16.11 -19.54 -0.90
C SER A 261 -15.88 -20.49 0.27
N ASN A 262 -15.58 -19.98 1.46
CA ASN A 262 -15.24 -20.81 2.60
C ASN A 262 -16.46 -20.97 3.51
N ASP A 263 -16.93 -22.19 3.68
CA ASP A 263 -18.10 -22.44 4.52
C ASP A 263 -17.81 -22.18 6.00
N ASP A 264 -16.54 -22.34 6.41
CA ASP A 264 -16.18 -22.06 7.80
C ASP A 264 -16.21 -20.57 8.12
N LEU A 265 -16.31 -19.71 7.11
CA LEU A 265 -16.43 -18.27 7.28
C LEU A 265 -17.80 -17.77 6.83
N ALA A 266 -18.83 -18.58 7.05
CA ALA A 266 -20.17 -18.29 6.54
C ALA A 266 -20.65 -16.93 7.01
N VAL A 267 -20.52 -16.64 8.30
CA VAL A 267 -21.05 -15.40 8.85
C VAL A 267 -20.45 -14.19 8.14
N TYR A 268 -19.18 -14.27 7.75
CA TYR A 268 -18.55 -13.15 7.06
C TYR A 268 -18.91 -13.10 5.59
N ARG A 269 -19.19 -14.25 4.98
CA ARG A 269 -19.65 -14.29 3.59
C ARG A 269 -20.97 -13.55 3.44
N GLU A 270 -21.94 -13.86 4.31
CA GLU A 270 -23.24 -13.21 4.23
C GLU A 270 -23.13 -11.71 4.48
N CYS A 271 -22.21 -11.29 5.35
CA CYS A 271 -22.00 -9.87 5.57
C CYS A 271 -21.45 -9.19 4.32
N ILE A 272 -20.50 -9.85 3.63
CA ILE A 272 -19.97 -9.30 2.40
C ILE A 272 -21.05 -9.23 1.33
N ILE A 273 -21.86 -10.29 1.23
CA ILE A 273 -22.94 -10.30 0.24
C ILE A 273 -23.99 -9.25 0.59
N GLU A 274 -24.36 -9.15 1.87
CA GLU A 274 -25.47 -8.28 2.26
C GLU A 274 -25.11 -6.80 2.10
N LYS A 275 -23.90 -6.41 2.50
CA LYS A 275 -23.55 -5.01 2.61
C LYS A 275 -22.71 -4.49 1.45
N CYS A 276 -22.13 -5.36 0.64
CA CYS A 276 -21.25 -4.93 -0.44
C CYS A 276 -21.76 -5.29 -1.83
N LEU A 277 -22.25 -6.51 -2.02
CA LEU A 277 -22.61 -6.97 -3.35
C LEU A 277 -24.07 -6.68 -3.70
N MET A 278 -24.98 -6.79 -2.74
CA MET A 278 -26.38 -6.47 -3.00
C MET A 278 -26.53 -5.01 -3.42
N ARG A 279 -27.53 -4.77 -4.27
CA ARG A 279 -27.83 -3.46 -4.85
C ARG A 279 -26.70 -2.92 -5.72
N ASN A 280 -25.65 -3.72 -5.94
CA ASN A 280 -24.56 -3.33 -6.83
C ASN A 280 -24.20 -4.46 -7.79
N LEU A 281 -25.12 -5.40 -8.03
CA LEU A 281 -24.79 -6.58 -8.82
C LEU A 281 -24.54 -6.23 -10.29
N LEU A 282 -25.36 -5.35 -10.86
CA LEU A 282 -25.19 -4.99 -12.26
C LEU A 282 -23.87 -4.28 -12.50
N SER A 283 -23.49 -3.37 -11.59
CA SER A 283 -22.23 -2.65 -11.74
C SER A 283 -21.04 -3.57 -11.54
N LEU A 284 -21.06 -4.36 -10.45
CA LEU A 284 -19.92 -5.20 -10.13
C LEU A 284 -19.75 -6.34 -11.14
N SER A 285 -20.83 -6.77 -11.79
CA SER A 285 -20.73 -7.82 -12.80
C SER A 285 -19.97 -7.35 -14.04
N GLN A 286 -19.89 -6.03 -14.27
CA GLN A 286 -19.18 -5.49 -15.41
C GLN A 286 -17.76 -5.06 -15.06
N GLU A 287 -17.27 -5.45 -13.89
CA GLU A 287 -15.90 -5.17 -13.49
C GLU A 287 -14.99 -6.34 -13.85
N LYS A 288 -13.74 -6.02 -14.22
CA LYS A 288 -12.81 -7.08 -14.61
C LYS A 288 -12.53 -8.02 -13.44
N PHE A 289 -12.35 -7.48 -12.25
CA PHE A 289 -12.00 -8.30 -11.09
C PHE A 289 -13.19 -8.61 -10.20
N ALA A 290 -14.10 -7.66 -10.00
CA ALA A 290 -15.24 -7.90 -9.13
C ALA A 290 -16.22 -8.91 -9.72
N SER A 291 -16.22 -9.11 -11.04
CA SER A 291 -17.11 -10.10 -11.63
C SER A 291 -16.79 -11.51 -11.15
N HIS A 292 -15.51 -11.79 -10.90
CA HIS A 292 -15.15 -13.06 -10.29
C HIS A 292 -15.73 -13.18 -8.88
N VAL A 293 -15.81 -12.06 -8.16
CA VAL A 293 -16.39 -12.09 -6.82
C VAL A 293 -17.90 -12.33 -6.90
N VAL A 294 -18.56 -11.73 -7.87
CA VAL A 294 -20.01 -11.94 -8.04
C VAL A 294 -20.29 -13.40 -8.35
N GLU A 295 -19.45 -14.03 -9.18
CA GLU A 295 -19.61 -15.45 -9.47
C GLU A 295 -19.53 -16.28 -8.20
N LYS A 296 -18.50 -16.04 -7.39
CA LYS A 296 -18.35 -16.80 -6.14
C LYS A 296 -19.52 -16.57 -5.21
N ALA A 297 -20.06 -15.35 -5.19
CA ALA A 297 -21.22 -15.07 -4.36
C ALA A 297 -22.44 -15.86 -4.84
N PHE A 298 -22.67 -15.89 -6.15
CA PHE A 298 -23.78 -16.69 -6.68
C PHE A 298 -23.60 -18.16 -6.37
N LEU A 299 -22.35 -18.64 -6.40
CA LEU A 299 -22.09 -20.06 -6.22
C LEU A 299 -22.16 -20.52 -4.76
N HIS A 300 -22.01 -19.60 -3.80
CA HIS A 300 -21.90 -19.99 -2.41
C HIS A 300 -22.87 -19.28 -1.47
N ALA A 301 -23.69 -18.36 -1.95
CA ALA A 301 -24.62 -17.67 -1.08
C ALA A 301 -25.66 -18.66 -0.55
N PRO A 302 -26.13 -18.46 0.68
CA PRO A 302 -27.27 -19.23 1.17
C PRO A 302 -28.47 -19.01 0.27
N LEU A 303 -29.34 -20.03 0.18
CA LEU A 303 -30.44 -19.99 -0.77
C LEU A 303 -31.34 -18.78 -0.56
N GLU A 304 -31.47 -18.31 0.69
CA GLU A 304 -32.27 -17.11 0.94
C GLU A 304 -31.61 -15.88 0.31
N LEU A 305 -30.29 -15.74 0.46
CA LEU A 305 -29.59 -14.63 -0.16
C LEU A 305 -29.42 -14.85 -1.66
N LEU A 306 -29.28 -16.10 -2.09
CA LEU A 306 -29.20 -16.38 -3.53
C LEU A 306 -30.47 -15.95 -4.25
N ALA A 307 -31.62 -16.11 -3.59
CA ALA A 307 -32.88 -15.67 -4.19
C ALA A 307 -32.93 -14.16 -4.35
N GLU A 308 -32.35 -13.42 -3.39
CA GLU A 308 -32.32 -11.97 -3.50
C GLU A 308 -31.38 -11.51 -4.60
N MET A 309 -30.27 -12.23 -4.79
CA MET A 309 -29.36 -11.91 -5.89
C MET A 309 -30.03 -12.15 -7.24
N MET A 310 -30.70 -13.29 -7.38
CA MET A 310 -31.43 -13.58 -8.60
C MET A 310 -32.50 -12.52 -8.87
N ASP A 311 -33.27 -12.17 -7.84
CA ASP A 311 -34.34 -11.19 -8.00
C ASP A 311 -33.80 -9.82 -8.37
N GLU A 312 -32.58 -9.49 -7.94
CA GLU A 312 -32.01 -8.19 -8.30
C GLU A 312 -31.65 -8.14 -9.78
N ILE A 313 -31.14 -9.24 -10.32
CA ILE A 313 -30.78 -9.27 -11.74
C ILE A 313 -32.03 -9.26 -12.61
N PHE A 314 -33.07 -9.98 -12.18
CA PHE A 314 -34.24 -10.17 -13.04
C PHE A 314 -35.21 -8.99 -12.96
N ASP A 315 -35.53 -8.54 -11.74
CA ASP A 315 -36.55 -7.52 -11.56
C ASP A 315 -36.08 -6.37 -10.68
N GLY A 316 -34.77 -6.16 -10.55
CA GLY A 316 -34.23 -5.13 -9.68
C GLY A 316 -33.74 -3.87 -10.36
N TYR A 317 -33.91 -3.74 -11.68
CA TYR A 317 -33.42 -2.59 -12.40
C TYR A 317 -34.47 -2.11 -13.40
N ILE A 318 -34.60 -0.79 -13.50
CA ILE A 318 -35.53 -0.22 -14.48
C ILE A 318 -34.93 -0.37 -15.88
N PRO A 319 -35.65 -0.94 -16.84
CA PRO A 319 -35.09 -1.09 -18.19
C PRO A 319 -34.79 0.26 -18.82
N HIS A 320 -33.90 0.22 -19.81
CA HIS A 320 -33.56 1.43 -20.55
C HIS A 320 -34.80 2.01 -21.22
N PRO A 321 -35.14 3.28 -20.97
CA PRO A 321 -36.40 3.82 -21.52
C PRO A 321 -36.44 3.82 -23.05
N ASP A 322 -35.29 3.83 -23.71
CA ASP A 322 -35.25 3.83 -25.17
C ASP A 322 -35.28 2.41 -25.73
N THR A 323 -34.26 1.61 -25.43
CA THR A 323 -34.13 0.29 -26.03
C THR A 323 -34.94 -0.76 -25.29
N GLY A 324 -35.20 -0.56 -23.99
CA GLY A 324 -35.92 -1.54 -23.21
C GLY A 324 -35.07 -2.66 -22.62
N LYS A 325 -33.76 -2.63 -22.85
CA LYS A 325 -32.89 -3.68 -22.34
C LYS A 325 -32.67 -3.52 -20.84
N ASP A 326 -32.73 -4.63 -20.11
CA ASP A 326 -32.64 -4.63 -18.66
C ASP A 326 -31.25 -5.07 -18.21
N ALA A 327 -31.12 -5.42 -16.92
CA ALA A 327 -29.82 -5.80 -16.39
C ALA A 327 -29.33 -7.10 -17.01
N LEU A 328 -30.24 -8.04 -17.27
CA LEU A 328 -29.85 -9.30 -17.88
C LEU A 328 -29.30 -9.09 -19.29
N ASP A 329 -29.88 -8.14 -20.04
CA ASP A 329 -29.39 -7.85 -21.39
C ASP A 329 -27.98 -7.26 -21.34
N ILE A 330 -27.74 -6.31 -20.43
CA ILE A 330 -26.44 -5.66 -20.35
C ILE A 330 -25.36 -6.67 -19.99
N MET A 331 -25.59 -7.46 -18.94
CA MET A 331 -24.59 -8.43 -18.51
C MET A 331 -24.37 -9.49 -19.57
N MET A 332 -25.44 -9.93 -20.24
CA MET A 332 -25.32 -11.03 -21.20
C MET A 332 -24.38 -10.68 -22.36
N PHE A 333 -24.23 -9.40 -22.67
CA PHE A 333 -23.42 -8.97 -23.80
C PHE A 333 -22.21 -8.12 -23.37
N HIS A 334 -21.82 -8.19 -22.10
CA HIS A 334 -20.64 -7.49 -21.63
C HIS A 334 -19.45 -8.43 -21.62
N GLN A 335 -18.25 -7.86 -21.80
CA GLN A 335 -17.04 -8.67 -21.89
C GLN A 335 -16.78 -9.43 -20.59
N PHE A 336 -17.18 -8.88 -19.45
CA PHE A 336 -17.06 -9.57 -18.17
C PHE A 336 -18.40 -10.02 -17.60
N GLY A 337 -19.47 -9.27 -17.86
CA GLY A 337 -20.77 -9.64 -17.32
C GLY A 337 -21.31 -10.96 -17.86
N ASN A 338 -20.89 -11.34 -19.07
CA ASN A 338 -21.40 -12.56 -19.67
C ASN A 338 -21.00 -13.80 -18.87
N TYR A 339 -19.84 -13.74 -18.20
CA TYR A 339 -19.44 -14.86 -17.35
C TYR A 339 -20.33 -14.98 -16.13
N VAL A 340 -20.86 -13.86 -15.62
CA VAL A 340 -21.78 -13.92 -14.49
C VAL A 340 -23.10 -14.54 -14.92
N VAL A 341 -23.58 -14.20 -16.12
CA VAL A 341 -24.81 -14.79 -16.63
C VAL A 341 -24.64 -16.29 -16.83
N GLN A 342 -23.49 -16.70 -17.38
CA GLN A 342 -23.20 -18.12 -17.51
C GLN A 342 -23.17 -18.82 -16.16
N CYS A 343 -22.69 -18.12 -15.12
CA CYS A 343 -22.67 -18.70 -13.78
C CYS A 343 -24.08 -18.91 -13.26
N MET A 344 -24.96 -17.93 -13.44
CA MET A 344 -26.34 -18.07 -13.00
C MET A 344 -27.03 -19.22 -13.71
N LEU A 345 -26.79 -19.36 -15.02
CA LEU A 345 -27.44 -20.42 -15.79
C LEU A 345 -26.94 -21.79 -15.36
N THR A 346 -25.63 -21.93 -15.16
CA THR A 346 -25.07 -23.21 -14.71
C THR A 346 -25.62 -23.60 -13.34
N ILE A 347 -25.77 -22.62 -12.45
CA ILE A 347 -26.32 -22.89 -11.13
C ILE A 347 -27.74 -23.44 -11.25
N CYS A 348 -28.57 -22.81 -12.09
CA CYS A 348 -29.95 -23.24 -12.22
C CYS A 348 -30.05 -24.59 -12.92
N CYS A 349 -29.19 -24.85 -13.89
CA CYS A 349 -29.21 -26.14 -14.58
C CYS A 349 -28.73 -27.26 -13.67
N ASP A 350 -27.71 -26.99 -12.86
CA ASP A 350 -27.23 -28.00 -11.91
C ASP A 350 -28.30 -28.33 -10.89
N ALA A 351 -29.00 -27.31 -10.39
CA ALA A 351 -30.02 -27.53 -9.38
C ALA A 351 -31.21 -28.32 -9.93
N VAL A 352 -31.61 -28.02 -11.17
CA VAL A 352 -32.76 -28.72 -11.76
C VAL A 352 -32.41 -30.17 -12.06
N SER A 353 -31.18 -30.43 -12.47
CA SER A 353 -30.74 -31.77 -12.85
C SER A 353 -30.17 -32.56 -11.66
N GLY A 354 -30.24 -32.02 -10.46
CA GLY A 354 -29.83 -32.77 -9.28
C GLY A 354 -28.36 -32.78 -8.98
N ARG A 355 -27.61 -31.78 -9.44
CA ARG A 355 -26.19 -31.66 -9.13
C ARG A 355 -25.90 -30.60 -8.08
N ARG A 356 -26.87 -29.77 -7.72
CA ARG A 356 -26.69 -28.70 -6.75
C ARG A 356 -27.75 -28.81 -5.67
N GLN A 357 -27.38 -28.43 -4.45
CA GLN A 357 -28.30 -28.50 -3.33
C GLN A 357 -29.46 -27.52 -3.51
N THR A 358 -30.69 -28.02 -3.37
CA THR A 358 -31.89 -27.20 -3.40
C THR A 358 -32.69 -27.25 -2.10
N LYS A 359 -32.32 -28.10 -1.15
CA LYS A 359 -33.04 -28.25 0.10
C LYS A 359 -32.30 -27.56 1.22
N GLU A 360 -33.02 -26.71 1.96
CA GLU A 360 -32.49 -26.07 3.16
C GLU A 360 -33.63 -25.86 4.14
N GLY A 361 -33.39 -26.21 5.40
CA GLY A 361 -34.45 -26.16 6.39
C GLY A 361 -35.52 -27.20 6.21
N GLY A 362 -35.19 -28.33 5.58
CA GLY A 362 -36.17 -29.35 5.31
C GLY A 362 -37.18 -29.00 4.23
N TYR A 363 -36.91 -27.96 3.45
CA TYR A 363 -37.81 -27.50 2.40
C TYR A 363 -37.06 -27.45 1.08
N ASP A 364 -37.67 -27.99 0.03
CA ASP A 364 -37.06 -28.03 -1.29
C ASP A 364 -37.39 -26.74 -2.04
N HIS A 365 -36.36 -25.97 -2.37
CA HIS A 365 -36.52 -24.74 -3.14
C HIS A 365 -36.28 -24.94 -4.63
N ALA A 366 -36.45 -26.18 -5.12
CA ALA A 366 -36.19 -26.46 -6.53
C ALA A 366 -37.08 -25.64 -7.45
N ILE A 367 -38.29 -25.28 -6.99
CA ILE A 367 -39.18 -24.49 -7.83
C ILE A 367 -38.63 -23.09 -8.05
N SER A 368 -37.86 -22.57 -7.10
CA SER A 368 -37.22 -21.27 -7.30
C SER A 368 -36.19 -21.33 -8.41
N PHE A 369 -35.37 -22.39 -8.43
CA PHE A 369 -34.40 -22.55 -9.51
C PHE A 369 -35.09 -22.78 -10.85
N GLN A 370 -36.25 -23.42 -10.84
CA GLN A 370 -37.00 -23.60 -12.08
C GLN A 370 -37.51 -22.26 -12.61
N ASP A 371 -37.96 -21.39 -11.71
CA ASP A 371 -38.44 -20.08 -12.13
C ASP A 371 -37.31 -19.22 -12.69
N TRP A 372 -36.15 -19.22 -12.02
CA TRP A 372 -35.01 -18.48 -12.54
C TRP A 372 -34.53 -19.07 -13.87
N LEU A 373 -34.56 -20.40 -13.98
CA LEU A 373 -34.14 -21.04 -15.23
C LEU A 373 -35.06 -20.65 -16.38
N LYS A 374 -36.37 -20.56 -16.12
CA LYS A 374 -37.30 -20.14 -17.15
C LYS A 374 -36.99 -18.74 -17.65
N LYS A 375 -36.68 -17.82 -16.73
CA LYS A 375 -36.37 -16.45 -17.12
C LYS A 375 -35.07 -16.38 -17.92
N LEU A 376 -34.06 -17.15 -17.52
CA LEU A 376 -32.81 -17.18 -18.27
C LEU A 376 -33.00 -17.86 -19.62
N HIS A 377 -33.73 -18.98 -19.64
CA HIS A 377 -33.96 -19.70 -20.90
C HIS A 377 -34.75 -18.85 -21.88
N SER A 378 -35.73 -18.08 -21.38
N SER A 378 -35.73 -18.08 -21.38
CA SER A 378 -36.54 -17.26 -22.28
CA SER A 378 -36.55 -17.27 -22.29
C SER A 378 -35.72 -16.14 -22.89
C SER A 378 -35.74 -16.11 -22.88
N ARG A 379 -34.77 -15.58 -22.14
CA ARG A 379 -33.94 -14.51 -22.67
C ARG A 379 -32.96 -15.04 -23.71
N VAL A 380 -32.37 -16.21 -23.45
CA VAL A 380 -31.48 -16.83 -24.43
C VAL A 380 -32.24 -17.13 -25.71
N THR A 381 -33.48 -17.61 -25.58
CA THR A 381 -34.32 -17.85 -26.75
C THR A 381 -34.58 -16.55 -27.51
N LYS A 382 -34.97 -15.50 -26.79
CA LYS A 382 -35.30 -14.23 -27.42
C LYS A 382 -34.12 -13.63 -28.16
N GLU A 383 -32.90 -13.84 -27.66
CA GLU A 383 -31.69 -13.28 -28.26
C GLU A 383 -30.79 -14.34 -28.87
N ARG A 384 -31.36 -15.50 -29.26
CA ARG A 384 -30.54 -16.58 -29.79
C ARG A 384 -29.82 -16.16 -31.07
N HIS A 385 -30.44 -15.28 -31.87
CA HIS A 385 -29.82 -14.83 -33.11
C HIS A 385 -28.49 -14.15 -32.83
N ARG A 386 -28.47 -13.18 -31.92
CA ARG A 386 -27.23 -12.50 -31.58
C ARG A 386 -26.31 -13.41 -30.77
N LEU A 387 -26.86 -14.18 -29.84
CA LEU A 387 -26.05 -15.00 -28.96
C LEU A 387 -25.31 -16.09 -29.72
N SER A 388 -25.88 -16.59 -30.81
CA SER A 388 -25.24 -17.65 -31.59
C SER A 388 -23.97 -17.18 -32.28
N ARG A 389 -23.66 -15.89 -32.25
CA ARG A 389 -22.43 -15.36 -32.83
C ARG A 389 -21.32 -15.22 -31.80
N PHE A 390 -21.61 -15.42 -30.52
CA PHE A 390 -20.62 -15.32 -29.45
C PHE A 390 -20.34 -16.71 -28.88
N SER A 391 -19.07 -16.96 -28.54
CA SER A 391 -18.74 -18.21 -27.86
C SER A 391 -19.45 -18.31 -26.52
N SER A 392 -19.61 -17.18 -25.82
CA SER A 392 -20.36 -17.19 -24.57
C SER A 392 -21.83 -17.50 -24.81
N GLY A 393 -22.41 -16.92 -25.87
CA GLY A 393 -23.78 -17.25 -26.22
C GLY A 393 -23.93 -18.70 -26.65
N LYS A 394 -22.93 -19.22 -27.37
CA LYS A 394 -22.98 -20.62 -27.81
C LYS A 394 -22.96 -21.56 -26.61
N LYS A 395 -22.19 -21.23 -25.57
CA LYS A 395 -22.13 -22.07 -24.38
C LYS A 395 -23.44 -22.04 -23.61
N MET A 396 -24.09 -20.86 -23.54
CA MET A 396 -25.41 -20.79 -22.92
C MET A 396 -26.43 -21.61 -23.70
N ILE A 397 -26.38 -21.54 -25.03
CA ILE A 397 -27.29 -22.33 -25.86
C ILE A 397 -27.00 -23.82 -25.68
N GLU A 398 -25.74 -24.20 -25.63
CA GLU A 398 -25.38 -25.60 -25.41
C GLU A 398 -25.76 -26.06 -24.01
N THR A 399 -25.59 -25.19 -23.02
CA THR A 399 -25.97 -25.55 -21.65
C THR A 399 -27.46 -25.86 -21.55
N LEU A 400 -28.30 -25.08 -22.22
CA LEU A 400 -29.73 -25.35 -22.21
C LEU A 400 -30.08 -26.56 -23.07
N ALA A 401 -29.26 -26.87 -24.08
CA ALA A 401 -29.53 -28.03 -24.91
C ALA A 401 -29.27 -29.32 -24.15
N ASN A 402 -28.21 -29.36 -23.34
CA ASN A 402 -27.95 -30.54 -22.53
C ASN A 402 -29.08 -30.79 -21.53
N LEU A 403 -29.59 -29.72 -20.91
CA LEU A 403 -30.65 -29.88 -19.91
C LEU A 403 -31.94 -30.36 -20.55
N ARG A 404 -32.25 -29.92 -21.77
CA ARG A 404 -33.45 -30.37 -22.44
C ARG A 404 -33.27 -31.72 -23.12
N SER A 405 -32.02 -32.22 -23.21
CA SER A 405 -31.83 -33.61 -23.60
C SER A 405 -32.36 -34.55 -22.54
N THR A 406 -32.25 -34.18 -21.27
CA THR A 406 -32.69 -35.03 -20.17
C THR A 406 -34.20 -35.03 -20.03
N VAL C 5 17.31 11.45 38.91
CA VAL C 5 18.16 11.23 37.75
C VAL C 5 19.41 12.10 37.84
N LEU C 6 19.22 13.36 38.23
CA LEU C 6 20.34 14.28 38.32
C LEU C 6 21.24 13.91 39.51
N PRO C 7 22.55 14.08 39.37
CA PRO C 7 23.45 13.75 40.48
C PRO C 7 23.25 14.68 41.67
N THR C 8 23.73 14.23 42.82
CA THR C 8 23.51 14.97 44.06
C THR C 8 24.25 16.30 44.07
N TRP C 9 25.45 16.35 43.47
CA TRP C 9 26.27 17.55 43.54
C TRP C 9 25.63 18.75 42.84
N SER C 10 24.70 18.52 41.92
CA SER C 10 24.06 19.60 41.18
C SER C 10 22.77 20.09 41.82
N LEU C 11 22.35 19.48 42.93
CA LEU C 11 21.09 19.84 43.58
C LEU C 11 21.36 20.67 44.82
N ASP C 12 20.48 21.64 45.07
CA ASP C 12 20.60 22.50 46.24
C ASP C 12 19.97 21.81 47.45
N SER C 13 19.78 22.55 48.54
CA SER C 13 19.18 21.98 49.74
C SER C 13 17.72 21.61 49.50
N ASN C 14 17.01 22.37 48.66
CA ASN C 14 15.63 22.03 48.33
C ASN C 14 15.55 20.71 47.58
N GLY C 15 16.39 20.55 46.56
CA GLY C 15 16.33 19.39 45.69
C GLY C 15 16.20 19.80 44.24
N GLU C 16 16.42 21.07 43.96
CA GLU C 16 16.35 21.64 42.62
C GLU C 16 17.75 21.90 42.08
N MET C 17 17.82 22.13 40.78
CA MET C 17 19.09 22.45 40.15
C MET C 17 19.50 23.87 40.51
N ARG C 18 20.74 24.03 40.98
CA ARG C 18 21.23 25.34 41.38
C ARG C 18 21.43 26.22 40.15
N SER C 19 20.80 27.40 40.15
CA SER C 19 20.93 28.35 39.06
C SER C 19 22.34 28.91 38.91
N ARG C 20 23.26 28.51 39.79
CA ARG C 20 24.65 28.91 39.73
C ARG C 20 25.52 27.89 39.00
N LEU C 21 24.98 26.70 38.72
CA LEU C 21 25.74 25.65 38.07
C LEU C 21 26.18 26.07 36.68
N SER C 22 27.43 25.76 36.34
CA SER C 22 28.02 26.15 35.07
C SER C 22 28.05 24.98 34.10
N LEU C 23 28.19 25.30 32.82
CA LEU C 23 28.28 24.27 31.79
C LEU C 23 29.56 23.46 31.92
N SER C 24 30.66 24.12 32.27
CA SER C 24 31.94 23.42 32.39
C SER C 24 31.93 22.44 33.55
N GLU C 25 31.18 22.74 34.61
CA GLU C 25 31.08 21.79 35.72
C GLU C 25 30.36 20.52 35.30
N VAL C 26 29.32 20.65 34.47
CA VAL C 26 28.64 19.47 33.96
C VAL C 26 29.54 18.68 33.02
N LEU C 27 30.27 19.37 32.14
CA LEU C 27 31.14 18.69 31.19
C LEU C 27 32.30 18.01 31.90
N ASP C 28 32.83 18.63 32.95
CA ASP C 28 33.98 18.08 33.67
C ASP C 28 33.59 16.96 34.62
N SER C 29 32.33 16.89 35.04
CA SER C 29 31.92 15.90 36.03
C SER C 29 31.72 14.51 35.44
N GLY C 30 31.52 14.40 34.12
CA GLY C 30 31.21 13.13 33.51
C GLY C 30 29.77 12.70 33.62
N ASP C 31 28.89 13.59 34.09
CA ASP C 31 27.47 13.28 34.25
C ASP C 31 26.60 13.95 33.19
N LEU C 32 27.18 14.32 32.05
CA LEU C 32 26.42 15.01 31.02
C LEU C 32 25.25 14.16 30.52
N MET C 33 25.44 12.84 30.45
CA MET C 33 24.39 11.96 29.95
C MET C 33 23.16 11.97 30.86
N LYS C 34 23.35 12.24 32.15
CA LYS C 34 22.22 12.31 33.06
C LYS C 34 21.49 13.63 32.97
N PHE C 35 22.19 14.73 32.68
CA PHE C 35 21.54 16.02 32.49
C PHE C 35 20.77 16.06 31.18
N ALA C 36 21.35 15.49 30.12
CA ALA C 36 20.75 15.61 28.79
C ALA C 36 19.46 14.81 28.64
N VAL C 37 19.27 13.78 29.46
CA VAL C 37 18.04 12.98 29.40
C VAL C 37 17.02 13.41 30.45
N ASP C 38 17.33 14.45 31.24
CA ASP C 38 16.40 15.00 32.22
C ASP C 38 15.80 16.28 31.68
N LYS C 39 14.51 16.49 31.98
CA LYS C 39 13.80 17.64 31.42
C LYS C 39 14.43 18.95 31.85
N THR C 40 14.59 19.16 33.17
CA THR C 40 15.19 20.40 33.63
C THR C 40 16.68 20.46 33.32
N GLY C 41 17.35 19.32 33.28
CA GLY C 41 18.77 19.30 32.95
C GLY C 41 19.03 19.70 31.51
N CYS C 42 18.20 19.22 30.58
CA CYS C 42 18.41 19.54 29.18
C CYS C 42 17.95 20.95 28.84
N GLN C 43 16.92 21.45 29.54
CA GLN C 43 16.51 22.84 29.33
C GLN C 43 17.61 23.81 29.74
N PHE C 44 18.37 23.45 30.79
CA PHE C 44 19.54 24.25 31.15
C PHE C 44 20.64 24.11 30.09
N LEU C 45 20.86 22.89 29.60
CA LEU C 45 21.89 22.68 28.58
C LEU C 45 21.52 23.36 27.27
N GLU C 46 20.23 23.36 26.92
CA GLU C 46 19.81 23.96 25.66
C GLU C 46 20.08 25.46 25.62
N LYS C 47 19.91 26.14 26.76
CA LYS C 47 20.24 27.56 26.82
C LYS C 47 21.75 27.78 26.87
N ALA C 48 22.46 26.90 27.59
CA ALA C 48 23.89 27.10 27.79
C ALA C 48 24.66 26.97 26.49
N VAL C 49 24.31 25.99 25.66
CA VAL C 49 25.01 25.77 24.40
C VAL C 49 24.69 26.82 23.35
N LYS C 50 23.69 27.67 23.61
CA LYS C 50 23.34 28.75 22.69
C LYS C 50 24.17 30.01 22.89
N GLY C 51 24.88 30.13 23.99
CA GLY C 51 25.64 31.32 24.31
C GLY C 51 27.08 31.26 23.84
N SER C 52 27.90 32.11 24.45
CA SER C 52 29.32 32.16 24.14
C SER C 52 30.01 30.99 24.83
N LEU C 53 30.60 30.09 24.04
CA LEU C 53 31.25 28.90 24.57
C LEU C 53 32.76 29.00 24.40
N THR C 54 33.48 28.65 25.46
CA THR C 54 34.93 28.57 25.40
C THR C 54 35.37 27.38 24.56
N SER C 55 36.67 27.33 24.23
CA SER C 55 37.19 26.22 23.46
C SER C 55 37.04 24.91 24.22
N TYR C 56 37.27 24.94 25.54
CA TYR C 56 37.08 23.74 26.35
C TYR C 56 35.66 23.22 26.26
N GLN C 57 34.68 24.12 26.34
CA GLN C 57 33.28 23.70 26.28
C GLN C 57 32.94 23.09 24.93
N LYS C 58 33.41 23.72 23.85
CA LYS C 58 33.16 23.18 22.51
C LYS C 58 33.79 21.80 22.35
N PHE C 59 35.05 21.67 22.76
CA PHE C 59 35.74 20.39 22.62
C PHE C 59 35.04 19.29 23.39
N GLN C 60 34.65 19.57 24.64
CA GLN C 60 33.98 18.56 25.45
C GLN C 60 32.58 18.26 24.93
N LEU C 61 31.90 19.26 24.38
CA LEU C 61 30.59 19.01 23.77
C LEU C 61 30.73 18.11 22.55
N PHE C 62 31.77 18.32 21.75
CA PHE C 62 32.00 17.46 20.58
C PHE C 62 32.28 16.02 21.01
N GLU C 63 33.13 15.85 22.02
CA GLU C 63 33.54 14.51 22.43
C GLU C 63 32.41 13.75 23.09
N GLN C 64 31.67 14.40 23.99
CA GLN C 64 30.68 13.71 24.80
C GLN C 64 29.33 13.55 24.12
N VAL C 65 28.99 14.41 23.16
CA VAL C 65 27.68 14.38 22.53
C VAL C 65 27.72 13.71 21.15
N ILE C 66 28.70 14.04 20.32
CA ILE C 66 28.79 13.51 18.97
C ILE C 66 30.09 12.74 18.74
N GLY C 67 30.85 12.44 19.79
CA GLY C 67 32.12 11.78 19.64
C GLY C 67 32.08 10.29 19.93
N ARG C 68 31.09 9.84 20.70
CA ARG C 68 30.95 8.45 21.08
C ARG C 68 29.67 7.89 20.49
N LYS C 69 29.79 6.76 19.78
CA LYS C 69 28.67 6.21 19.03
C LYS C 69 27.52 5.81 19.95
N ASP C 70 27.84 5.13 21.06
CA ASP C 70 26.80 4.64 21.96
C ASP C 70 26.04 5.80 22.59
N ASP C 71 26.75 6.82 23.08
CA ASP C 71 26.10 7.95 23.71
C ASP C 71 25.42 8.85 22.69
N PHE C 72 25.94 8.92 21.47
CA PHE C 72 25.29 9.71 20.43
C PHE C 72 23.93 9.12 20.07
N LEU C 73 23.87 7.81 19.91
CA LEU C 73 22.60 7.16 19.56
C LEU C 73 21.62 7.21 20.72
N LYS C 74 22.12 7.11 21.96
CA LYS C 74 21.23 7.17 23.12
C LYS C 74 20.63 8.57 23.27
N LEU C 75 21.43 9.61 23.03
CA LEU C 75 20.90 10.97 23.12
C LEU C 75 20.00 11.30 21.92
N SER C 76 20.37 10.81 20.73
CA SER C 76 19.59 11.13 19.54
C SER C 76 18.18 10.56 19.61
N THR C 77 18.00 9.41 20.26
CA THR C 77 16.72 8.77 20.38
C THR C 77 15.99 9.11 21.68
N ASN C 78 16.43 10.16 22.37
CA ASN C 78 15.86 10.57 23.64
C ASN C 78 14.93 11.76 23.45
N ILE C 79 13.87 11.80 24.25
CA ILE C 79 12.85 12.85 24.12
C ILE C 79 13.47 14.23 24.35
N PHE C 80 14.47 14.32 25.23
CA PHE C 80 15.17 15.58 25.47
C PHE C 80 16.56 15.62 24.88
N GLY C 81 17.28 14.50 24.86
CA GLY C 81 18.65 14.50 24.38
C GLY C 81 18.79 14.89 22.92
N ASN C 82 17.75 14.64 22.11
CA ASN C 82 17.85 14.94 20.69
C ASN C 82 18.00 16.43 20.43
N TYR C 83 17.50 17.28 21.33
CA TYR C 83 17.70 18.71 21.20
C TYR C 83 19.16 19.09 21.37
N LEU C 84 19.82 18.50 22.38
CA LEU C 84 21.24 18.80 22.60
C LEU C 84 22.10 18.30 21.44
N VAL C 85 21.74 17.15 20.86
CA VAL C 85 22.49 16.62 19.73
C VAL C 85 22.41 17.58 18.55
N GLN C 86 21.21 18.09 18.26
CA GLN C 86 21.05 19.02 17.16
C GLN C 86 21.86 20.30 17.39
N SER C 87 21.87 20.79 18.63
CA SER C 87 22.62 22.01 18.92
C SER C 87 24.11 21.81 18.74
N VAL C 88 24.64 20.67 19.19
CA VAL C 88 26.07 20.43 19.08
C VAL C 88 26.45 20.16 17.62
N ILE C 89 25.59 19.50 16.86
CA ILE C 89 25.83 19.34 15.43
C ILE C 89 25.95 20.69 14.75
N GLY C 90 25.06 21.64 15.12
CA GLY C 90 25.15 22.97 14.55
C GLY C 90 26.43 23.68 14.93
N ILE C 91 26.84 23.56 16.20
CA ILE C 91 28.09 24.18 16.63
C ILE C 91 29.28 23.52 15.95
N SER C 92 29.22 22.19 15.78
CA SER C 92 30.33 21.47 15.15
C SER C 92 30.52 21.91 13.70
N LEU C 93 29.43 22.08 12.96
CA LEU C 93 29.50 22.51 11.57
C LEU C 93 29.80 23.99 11.43
N ALA C 94 29.69 24.77 12.51
CA ALA C 94 30.04 26.18 12.50
C ALA C 94 31.44 26.45 13.03
N THR C 95 32.14 25.42 13.51
CA THR C 95 33.49 25.57 14.06
C THR C 95 34.48 25.13 12.99
N ASN C 96 35.07 26.11 12.31
CA ASN C 96 36.02 25.84 11.23
C ASN C 96 37.44 25.66 11.80
N ASP C 97 37.60 24.61 12.60
CA ASP C 97 38.88 24.28 13.19
C ASP C 97 39.51 23.10 12.44
N ASP C 98 40.62 22.58 12.96
CA ASP C 98 41.34 21.50 12.30
C ASP C 98 40.71 20.14 12.52
N GLY C 99 39.90 19.98 13.55
CA GLY C 99 39.19 18.74 13.80
C GLY C 99 37.86 18.62 13.11
N TYR C 100 37.51 19.59 12.24
CA TYR C 100 36.20 19.58 11.60
C TYR C 100 35.99 18.32 10.76
N THR C 101 36.94 18.03 9.87
CA THR C 101 36.76 16.93 8.92
C THR C 101 36.55 15.61 9.65
N LYS C 102 37.41 15.31 10.63
CA LYS C 102 37.26 14.06 11.39
C LYS C 102 35.99 14.07 12.22
N ARG C 103 35.58 15.24 12.71
CA ARG C 103 34.36 15.33 13.51
C ARG C 103 33.13 15.00 12.67
N GLN C 104 33.08 15.47 11.43
CA GLN C 104 31.91 15.25 10.59
C GLN C 104 31.93 13.88 9.93
N GLU C 105 33.12 13.35 9.61
CA GLU C 105 33.18 11.99 9.09
C GLU C 105 32.74 10.99 10.14
N LYS C 106 33.10 11.22 11.40
CA LYS C 106 32.62 10.36 12.48
C LYS C 106 31.11 10.48 12.66
N LEU C 107 30.59 11.70 12.55
CA LEU C 107 29.14 11.90 12.62
C LEU C 107 28.43 11.21 11.46
N LYS C 108 29.01 11.30 10.26
CA LYS C 108 28.42 10.65 9.10
C LYS C 108 28.41 9.13 9.26
N ASN C 109 29.49 8.57 9.79
CA ASN C 109 29.56 7.13 9.97
C ASN C 109 28.56 6.66 11.03
N PHE C 110 28.42 7.43 12.11
CA PHE C 110 27.43 7.07 13.14
C PHE C 110 26.03 7.01 12.55
N ILE C 111 25.65 8.05 11.80
CA ILE C 111 24.29 8.13 11.28
C ILE C 111 24.06 7.10 10.18
N SER C 112 25.03 6.95 9.27
CA SER C 112 24.87 6.03 8.15
C SER C 112 24.65 4.60 8.63
N SER C 113 25.35 4.18 9.68
CA SER C 113 25.23 2.83 10.20
C SER C 113 23.86 2.56 10.80
N GLN C 114 23.12 3.60 11.20
CA GLN C 114 21.80 3.45 11.80
C GLN C 114 20.77 4.31 11.08
N MET C 115 20.91 4.47 9.76
CA MET C 115 20.10 5.44 9.03
C MET C 115 18.61 5.12 9.13
N THR C 116 18.23 3.90 8.77
CA THR C 116 16.81 3.53 8.76
C THR C 116 16.22 3.59 10.16
N ASP C 117 16.96 3.11 11.16
CA ASP C 117 16.48 3.14 12.53
C ASP C 117 16.24 4.57 13.01
N MET C 118 17.15 5.49 12.66
CA MET C 118 17.02 6.86 13.13
C MET C 118 15.93 7.61 12.38
N CYS C 119 15.72 7.30 11.10
CA CYS C 119 14.65 7.95 10.35
C CYS C 119 13.28 7.62 10.94
N LEU C 120 13.10 6.38 11.39
CA LEU C 120 11.82 5.93 11.92
C LEU C 120 11.62 6.30 13.38
N ASP C 121 12.66 6.78 14.06
CA ASP C 121 12.52 7.17 15.46
C ASP C 121 11.92 8.57 15.56
N LYS C 122 11.02 8.74 16.52
CA LYS C 122 10.32 10.02 16.67
C LYS C 122 11.28 11.16 16.92
N PHE C 123 12.38 10.90 17.63
CA PHE C 123 13.32 11.95 18.01
C PHE C 123 14.59 11.93 17.18
N ALA C 124 15.11 10.74 16.83
CA ALA C 124 16.34 10.69 16.04
C ALA C 124 16.13 11.21 14.63
N CYS C 125 14.89 11.17 14.12
CA CYS C 125 14.63 11.72 12.79
C CYS C 125 14.82 13.23 12.77
N ARG C 126 14.66 13.90 13.91
CA ARG C 126 14.98 15.32 13.98
C ARG C 126 16.48 15.56 13.87
N VAL C 127 17.29 14.62 14.36
CA VAL C 127 18.74 14.72 14.19
C VAL C 127 19.11 14.53 12.72
N ILE C 128 18.40 13.64 12.03
CA ILE C 128 18.65 13.43 10.60
C ILE C 128 18.34 14.70 9.81
N GLN C 129 17.18 15.30 10.08
CA GLN C 129 16.77 16.48 9.33
C GLN C 129 17.72 17.66 9.56
N SER C 130 18.12 17.87 10.81
CA SER C 130 19.08 18.94 11.09
C SER C 130 20.46 18.65 10.50
N SER C 131 20.82 17.37 10.40
CA SER C 131 22.09 17.02 9.77
C SER C 131 22.04 17.24 8.27
N LEU C 132 20.89 16.95 7.64
CA LEU C 132 20.76 17.18 6.21
C LEU C 132 20.84 18.65 5.86
N GLN C 133 20.23 19.51 6.70
CA GLN C 133 20.17 20.93 6.38
C GLN C 133 21.50 21.62 6.61
N ASN C 134 22.20 21.29 7.69
CA ASN C 134 23.37 22.06 8.11
C ASN C 134 24.68 21.52 7.54
N MET C 135 24.80 20.21 7.36
CA MET C 135 26.04 19.66 6.81
C MET C 135 26.27 20.17 5.40
N ASP C 136 27.54 20.32 5.05
CA ASP C 136 27.86 20.67 3.67
C ASP C 136 27.38 19.56 2.73
N LEU C 137 27.18 19.94 1.47
CA LEU C 137 26.46 19.08 0.55
C LEU C 137 27.13 17.72 0.38
N SER C 138 28.47 17.69 0.37
CA SER C 138 29.17 16.45 0.07
C SER C 138 28.94 15.39 1.14
N LEU C 139 28.84 15.79 2.40
CA LEU C 139 28.61 14.83 3.48
C LEU C 139 27.13 14.59 3.75
N ALA C 140 26.27 15.56 3.41
CA ALA C 140 24.84 15.31 3.50
C ALA C 140 24.40 14.26 2.49
N CYS C 141 25.08 14.17 1.34
CA CYS C 141 24.76 13.16 0.34
C CYS C 141 25.17 11.77 0.82
N LYS C 142 26.19 11.67 1.66
CA LYS C 142 26.57 10.37 2.22
C LYS C 142 25.45 9.81 3.09
N LEU C 143 24.72 10.70 3.79
CA LEU C 143 23.56 10.24 4.55
C LEU C 143 22.45 9.76 3.61
N VAL C 144 22.24 10.48 2.51
CA VAL C 144 21.22 10.08 1.54
C VAL C 144 21.59 8.74 0.92
N GLN C 145 22.88 8.51 0.69
CA GLN C 145 23.32 7.23 0.14
C GLN C 145 23.13 6.09 1.13
N ALA C 146 22.99 6.39 2.41
CA ALA C 146 22.70 5.36 3.42
C ALA C 146 21.22 5.01 3.50
N LEU C 147 20.36 5.73 2.79
CA LEU C 147 18.95 5.37 2.75
C LEU C 147 18.77 4.03 2.04
N PRO C 148 17.79 3.24 2.47
CA PRO C 148 17.58 1.94 1.82
C PRO C 148 17.05 2.10 0.41
N ARG C 149 17.54 1.24 -0.48
CA ARG C 149 17.08 1.22 -1.86
C ARG C 149 16.03 0.15 -2.12
N ASP C 150 15.93 -0.84 -1.24
CA ASP C 150 14.99 -1.95 -1.44
C ASP C 150 13.59 -1.58 -0.97
N ALA C 151 12.79 -2.60 -0.63
CA ALA C 151 11.40 -2.36 -0.23
C ALA C 151 11.30 -1.56 1.07
N ARG C 152 12.38 -1.45 1.84
CA ARG C 152 12.30 -0.67 3.06
C ARG C 152 12.07 0.82 2.80
N LEU C 153 12.27 1.27 1.55
CA LEU C 153 11.92 2.65 1.21
C LEU C 153 10.41 2.89 1.30
N ILE C 154 9.59 1.83 1.22
CA ILE C 154 8.17 1.97 1.57
C ILE C 154 8.03 2.63 2.94
N ALA C 155 8.72 2.08 3.95
CA ALA C 155 8.53 2.53 5.33
C ALA C 155 8.98 3.98 5.51
N ILE C 156 10.08 4.36 4.84
CA ILE C 156 10.58 5.72 4.97
C ILE C 156 9.57 6.73 4.44
N CYS C 157 8.82 6.36 3.40
CA CYS C 157 7.90 7.31 2.77
C CYS C 157 6.59 7.45 3.52
N VAL C 158 6.10 6.38 4.15
CA VAL C 158 4.78 6.40 4.77
C VAL C 158 4.83 6.52 6.28
N ASP C 159 6.03 6.62 6.87
CA ASP C 159 6.14 6.71 8.31
C ASP C 159 5.83 8.13 8.79
N GLN C 160 5.18 8.22 9.96
CA GLN C 160 4.81 9.51 10.53
C GLN C 160 6.04 10.39 10.75
N ASN C 161 7.18 9.79 11.06
CA ASN C 161 8.42 10.53 11.30
C ASN C 161 9.33 10.56 10.08
N ALA C 162 9.57 9.40 9.46
CA ALA C 162 10.55 9.31 8.38
C ALA C 162 10.14 10.07 7.13
N ASN C 163 8.84 10.31 6.94
CA ASN C 163 8.40 11.02 5.73
C ASN C 163 8.94 12.45 5.69
N HIS C 164 9.20 13.04 6.87
CA HIS C 164 9.77 14.38 6.90
C HIS C 164 11.25 14.35 6.50
N VAL C 165 11.93 13.22 6.70
CA VAL C 165 13.32 13.10 6.26
C VAL C 165 13.40 13.15 4.74
N ILE C 166 12.51 12.43 4.06
CA ILE C 166 12.51 12.43 2.59
C ILE C 166 12.20 13.82 2.06
N GLN C 167 11.19 14.48 2.64
CA GLN C 167 10.85 15.83 2.20
C GLN C 167 11.99 16.80 2.47
N LYS C 168 12.76 16.58 3.54
CA LYS C 168 13.95 17.40 3.77
C LYS C 168 15.00 17.13 2.69
N VAL C 169 15.18 15.85 2.31
CA VAL C 169 16.10 15.51 1.23
C VAL C 169 15.67 16.21 -0.06
N VAL C 170 14.38 16.16 -0.38
CA VAL C 170 13.86 16.80 -1.59
C VAL C 170 14.12 18.31 -1.54
N ALA C 171 14.14 18.89 -0.34
CA ALA C 171 14.26 20.35 -0.22
C ALA C 171 15.69 20.83 -0.41
N VAL C 172 16.68 20.11 0.11
CA VAL C 172 18.05 20.62 0.19
C VAL C 172 19.06 19.78 -0.59
N ILE C 173 18.70 18.62 -1.09
CA ILE C 173 19.65 17.74 -1.78
C ILE C 173 19.40 17.82 -3.28
N PRO C 174 20.45 17.88 -4.11
CA PRO C 174 20.24 17.89 -5.56
C PRO C 174 19.55 16.63 -6.04
N LEU C 175 18.74 16.79 -7.09
CA LEU C 175 17.90 15.70 -7.58
C LEU C 175 18.72 14.47 -7.99
N LYS C 176 19.96 14.68 -8.42
CA LYS C 176 20.81 13.57 -8.84
C LYS C 176 20.98 12.54 -7.73
N ASN C 177 21.01 12.98 -6.47
CA ASN C 177 21.23 12.08 -5.35
C ASN C 177 19.96 11.39 -4.87
N TRP C 178 18.78 11.94 -5.15
CA TRP C 178 17.53 11.33 -4.74
C TRP C 178 16.62 10.99 -5.92
N GLU C 179 17.17 10.88 -7.13
CA GLU C 179 16.38 10.42 -8.26
C GLU C 179 15.86 9.01 -8.04
N PHE C 180 16.61 8.19 -7.30
CA PHE C 180 16.17 6.82 -7.03
C PHE C 180 14.86 6.80 -6.26
N ILE C 181 14.57 7.85 -5.47
CA ILE C 181 13.31 7.91 -4.76
C ILE C 181 12.16 8.15 -5.73
N VAL C 182 12.38 9.01 -6.73
CA VAL C 182 11.35 9.24 -7.75
C VAL C 182 11.09 7.96 -8.54
N ASP C 183 12.17 7.28 -8.95
CA ASP C 183 12.00 5.98 -9.63
C ASP C 183 11.24 5.01 -8.75
N PHE C 184 11.49 5.06 -7.45
CA PHE C 184 10.86 4.12 -6.53
C PHE C 184 9.37 4.39 -6.40
N VAL C 185 8.99 5.65 -6.18
CA VAL C 185 7.58 5.97 -5.99
C VAL C 185 6.82 5.85 -7.30
N ALA C 186 7.47 6.06 -8.44
CA ALA C 186 6.79 5.96 -9.73
C ALA C 186 6.55 4.52 -10.15
N THR C 187 7.16 3.56 -9.47
CA THR C 187 6.91 2.16 -9.78
C THR C 187 5.44 1.83 -9.51
N PRO C 188 4.76 1.15 -10.44
CA PRO C 188 3.32 0.88 -10.22
C PRO C 188 3.03 0.14 -8.93
N GLU C 189 3.92 -0.76 -8.51
CA GLU C 189 3.72 -1.48 -7.26
C GLU C 189 3.83 -0.55 -6.05
N HIS C 190 4.60 0.54 -6.17
CA HIS C 190 4.86 1.43 -5.06
C HIS C 190 4.02 2.71 -5.08
N LEU C 191 3.72 3.24 -6.27
CA LEU C 191 2.76 4.34 -6.37
C LEU C 191 1.44 3.94 -5.75
N ARG C 192 1.09 2.66 -5.86
CA ARG C 192 0.00 2.03 -5.12
C ARG C 192 -0.02 2.45 -3.65
N GLN C 193 1.03 2.08 -2.91
CA GLN C 193 1.02 2.16 -1.46
C GLN C 193 1.30 3.58 -0.94
N ILE C 194 2.08 4.36 -1.67
CA ILE C 194 2.58 5.63 -1.14
C ILE C 194 1.61 6.77 -1.40
N CYS C 195 0.99 6.82 -2.59
CA CYS C 195 0.08 7.91 -2.89
C CYS C 195 -1.18 7.87 -2.04
N SER C 196 -1.65 6.67 -1.69
CA SER C 196 -2.86 6.50 -0.90
C SER C 196 -2.60 6.49 0.59
N ASP C 197 -1.42 6.91 1.03
CA ASP C 197 -1.08 6.97 2.45
C ASP C 197 -1.08 8.42 2.92
N LYS C 198 -1.44 8.60 4.20
CA LYS C 198 -1.56 9.95 4.76
C LYS C 198 -0.25 10.72 4.63
N TYR C 199 0.86 10.09 5.01
CA TYR C 199 2.15 10.76 4.93
C TYR C 199 2.85 10.54 3.61
N GLY C 200 2.60 9.39 2.95
CA GLY C 200 3.20 9.15 1.65
C GLY C 200 2.71 10.13 0.59
N CYS C 201 1.45 10.55 0.67
N CYS C 201 1.45 10.55 0.67
CA CYS C 201 0.94 11.52 -0.29
CA CYS C 201 0.93 11.53 -0.27
C CYS C 201 1.59 12.90 -0.12
C CYS C 201 1.64 12.87 -0.13
N ARG C 202 2.08 13.22 1.08
CA ARG C 202 2.84 14.44 1.26
C ARG C 202 4.21 14.34 0.59
N VAL C 203 4.79 13.14 0.58
CA VAL C 203 6.08 12.94 -0.09
C VAL C 203 5.93 13.12 -1.59
N VAL C 204 4.88 12.52 -2.17
CA VAL C 204 4.68 12.60 -3.62
C VAL C 204 4.40 14.04 -4.04
N GLN C 205 3.54 14.74 -3.31
CA GLN C 205 3.23 16.13 -3.67
C GLN C 205 4.46 17.02 -3.52
N THR C 206 5.21 16.86 -2.43
CA THR C 206 6.45 17.62 -2.26
C THR C 206 7.41 17.37 -3.43
N ILE C 207 7.48 16.12 -3.90
CA ILE C 207 8.33 15.80 -5.04
C ILE C 207 7.82 16.51 -6.30
N ILE C 208 6.50 16.45 -6.54
CA ILE C 208 5.93 17.10 -7.71
C ILE C 208 6.18 18.60 -7.67
N GLU C 209 5.97 19.21 -6.49
CA GLU C 209 6.17 20.65 -6.36
C GLU C 209 7.62 21.04 -6.60
N LYS C 210 8.57 20.20 -6.15
CA LYS C 210 9.97 20.50 -6.36
C LYS C 210 10.37 20.34 -7.83
N LEU C 211 9.89 19.27 -8.47
CA LEU C 211 10.24 19.05 -9.87
C LEU C 211 9.62 20.09 -10.79
N THR C 212 8.46 20.65 -10.42
CA THR C 212 7.82 21.67 -11.24
C THR C 212 8.29 23.08 -10.90
N ALA C 213 8.91 23.28 -9.73
CA ALA C 213 9.44 24.59 -9.36
C ALA C 213 10.75 24.85 -10.06
N LEU C 220 19.46 23.75 -13.50
CA LEU C 220 20.33 24.84 -13.91
C LEU C 220 20.99 24.55 -15.25
N THR C 221 21.92 23.60 -15.26
CA THR C 221 22.56 23.18 -16.50
C THR C 221 21.57 22.38 -17.36
N SER C 222 21.98 22.13 -18.61
CA SER C 222 21.14 21.35 -19.51
C SER C 222 21.01 19.91 -19.03
N ALA C 223 22.10 19.33 -18.51
CA ALA C 223 22.03 18.00 -17.95
C ALA C 223 21.13 17.95 -16.71
N ALA C 224 21.13 19.02 -15.92
CA ALA C 224 20.23 19.08 -14.77
C ALA C 224 18.78 19.22 -15.21
N GLN C 225 18.53 20.01 -16.26
CA GLN C 225 17.17 20.12 -16.79
C GLN C 225 16.69 18.80 -17.36
N ASN C 226 17.56 18.07 -18.06
CA ASN C 226 17.18 16.77 -18.62
C ASN C 226 16.77 15.80 -17.52
N LEU C 227 17.51 15.79 -16.40
CA LEU C 227 17.17 14.89 -15.30
C LEU C 227 15.88 15.30 -14.63
N ARG C 228 15.65 16.61 -14.48
CA ARG C 228 14.39 17.08 -13.92
C ARG C 228 13.22 16.75 -14.82
N GLU C 229 13.40 16.88 -16.14
CA GLU C 229 12.32 16.58 -17.07
C GLU C 229 11.97 15.10 -17.07
N ARG C 230 12.99 14.23 -17.09
CA ARG C 230 12.71 12.80 -17.16
C ARG C 230 12.21 12.25 -15.82
N ALA C 231 12.60 12.87 -14.71
CA ALA C 231 12.06 12.45 -13.42
C ALA C 231 10.59 12.86 -13.29
N LEU C 232 10.25 14.07 -13.74
CA LEU C 232 8.87 14.51 -13.69
C LEU C 232 8.00 13.71 -14.66
N GLN C 233 8.52 13.42 -15.86
CA GLN C 233 7.74 12.67 -16.84
C GLN C 233 7.46 11.25 -16.37
N ARG C 234 8.43 10.62 -15.70
CA ARG C 234 8.23 9.25 -15.20
C ARG C 234 7.16 9.22 -14.12
N LEU C 235 7.17 10.20 -13.21
CA LEU C 235 6.15 10.23 -12.15
C LEU C 235 4.78 10.59 -12.71
N MET C 236 4.72 11.60 -13.60
CA MET C 236 3.45 12.00 -14.17
C MET C 236 2.82 10.88 -14.99
N THR C 237 3.64 10.09 -15.68
CA THR C 237 3.11 9.00 -16.50
C THR C 237 2.43 7.94 -15.63
N SER C 238 3.08 7.51 -14.55
CA SER C 238 2.49 6.50 -13.68
C SER C 238 1.28 7.04 -12.92
N VAL C 239 1.29 8.33 -12.57
CA VAL C 239 0.16 8.91 -11.85
C VAL C 239 -1.07 8.98 -12.76
N THR C 240 -0.89 9.50 -13.97
CA THR C 240 -2.01 9.59 -14.91
C THR C 240 -2.47 8.21 -15.35
N ASN C 241 -1.59 7.21 -15.34
CA ASN C 241 -1.99 5.85 -15.68
C ASN C 241 -2.91 5.24 -14.64
N ARG C 242 -2.88 5.73 -13.41
CA ARG C 242 -3.73 5.23 -12.33
C ARG C 242 -4.62 6.33 -11.76
N CYS C 243 -4.95 7.34 -12.55
CA CYS C 243 -5.73 8.47 -12.04
C CYS C 243 -7.10 8.04 -11.56
N GLN C 244 -7.66 6.98 -12.15
CA GLN C 244 -9.00 6.53 -11.75
C GLN C 244 -9.03 6.04 -10.31
N GLU C 245 -7.94 5.40 -9.86
CA GLU C 245 -7.87 4.95 -8.47
C GLU C 245 -7.40 6.05 -7.54
N LEU C 246 -6.60 6.98 -8.05
CA LEU C 246 -6.07 8.07 -7.21
C LEU C 246 -7.07 9.20 -7.05
N ALA C 247 -7.92 9.45 -8.04
CA ALA C 247 -8.84 10.58 -7.97
C ALA C 247 -9.88 10.41 -6.87
N THR C 248 -10.26 9.17 -6.57
CA THR C 248 -11.27 8.91 -5.54
C THR C 248 -10.66 8.60 -4.18
N ASN C 249 -9.34 8.45 -4.09
CA ASN C 249 -8.72 8.03 -2.85
C ASN C 249 -8.76 9.15 -1.81
N GLU C 250 -8.80 8.74 -0.54
CA GLU C 250 -8.89 9.70 0.57
C GLU C 250 -7.73 10.68 0.56
N TYR C 251 -6.53 10.22 0.20
CA TYR C 251 -5.34 11.05 0.20
C TYR C 251 -4.79 11.36 -1.19
N ALA C 252 -4.83 10.39 -2.10
CA ALA C 252 -4.27 10.61 -3.44
C ALA C 252 -5.04 11.67 -4.23
N ASN C 253 -6.26 12.01 -3.81
CA ASN C 253 -7.02 13.03 -4.54
C ASN C 253 -6.33 14.38 -4.49
N TYR C 254 -5.54 14.64 -3.44
CA TYR C 254 -4.78 15.88 -3.38
C TYR C 254 -3.70 15.93 -4.47
N ILE C 255 -3.20 14.77 -4.88
CA ILE C 255 -2.18 14.73 -5.94
C ILE C 255 -2.81 14.98 -7.31
N ILE C 256 -3.98 14.40 -7.55
CA ILE C 256 -4.68 14.65 -8.80
C ILE C 256 -5.10 16.11 -8.90
N GLN C 257 -5.54 16.70 -7.79
CA GLN C 257 -5.92 18.11 -7.78
C GLN C 257 -4.74 19.00 -8.13
N HIS C 258 -3.57 18.73 -7.53
CA HIS C 258 -2.40 19.57 -7.79
C HIS C 258 -2.00 19.52 -9.25
N ILE C 259 -2.09 18.35 -9.88
CA ILE C 259 -1.73 18.24 -11.29
C ILE C 259 -2.72 19.00 -12.16
N VAL C 260 -4.01 18.83 -11.89
CA VAL C 260 -5.05 19.52 -12.67
C VAL C 260 -4.91 21.04 -12.53
N SER C 261 -4.50 21.51 -11.36
CA SER C 261 -4.39 22.94 -11.11
C SER C 261 -3.12 23.56 -11.68
N ASN C 262 -2.16 22.75 -12.12
CA ASN C 262 -0.88 23.25 -12.63
C ASN C 262 -0.95 23.35 -14.15
N ASP C 263 -0.78 24.57 -14.67
CA ASP C 263 -0.80 24.76 -16.12
C ASP C 263 0.44 24.16 -16.78
N ASP C 264 1.56 24.08 -16.06
CA ASP C 264 2.75 23.43 -16.60
C ASP C 264 2.55 21.94 -16.83
N LEU C 265 1.52 21.35 -16.22
CA LEU C 265 1.17 19.95 -16.41
C LEU C 265 -0.14 19.80 -17.18
N ALA C 266 -0.39 20.72 -18.12
CA ALA C 266 -1.67 20.73 -18.83
C ALA C 266 -1.86 19.47 -19.67
N VAL C 267 -0.78 18.89 -20.19
CA VAL C 267 -0.91 17.68 -20.98
C VAL C 267 -1.41 16.52 -20.14
N TYR C 268 -1.01 16.46 -18.87
CA TYR C 268 -1.51 15.42 -17.98
C TYR C 268 -2.88 15.76 -17.42
N ARG C 269 -3.20 17.05 -17.30
CA ARG C 269 -4.54 17.44 -16.87
C ARG C 269 -5.59 17.02 -17.88
N GLU C 270 -5.32 17.26 -19.17
CA GLU C 270 -6.25 16.85 -20.21
C GLU C 270 -6.41 15.33 -20.24
N CYS C 271 -5.32 14.60 -20.01
CA CYS C 271 -5.39 13.15 -19.99
C CYS C 271 -6.24 12.65 -18.83
N ILE C 272 -6.02 13.21 -17.64
CA ILE C 272 -6.78 12.79 -16.46
C ILE C 272 -8.28 13.02 -16.68
N ILE C 273 -8.63 14.16 -17.28
CA ILE C 273 -10.04 14.49 -17.46
C ILE C 273 -10.71 13.51 -18.41
N GLU C 274 -10.09 13.26 -19.57
CA GLU C 274 -10.71 12.43 -20.59
C GLU C 274 -10.70 10.95 -20.21
N LYS C 275 -9.67 10.49 -19.49
CA LYS C 275 -9.55 9.08 -19.18
C LYS C 275 -10.26 8.69 -17.90
N CYS C 276 -10.38 9.60 -16.93
CA CYS C 276 -10.92 9.27 -15.62
C CYS C 276 -12.22 9.98 -15.29
N LEU C 277 -12.35 11.26 -15.64
CA LEU C 277 -13.48 12.06 -15.18
C LEU C 277 -14.64 12.07 -16.15
N MET C 278 -14.37 12.17 -17.45
CA MET C 278 -15.45 12.16 -18.43
C MET C 278 -16.26 10.87 -18.34
N ARG C 279 -17.55 10.99 -18.60
CA ARG C 279 -18.55 9.93 -18.53
C ARG C 279 -18.82 9.48 -17.09
N ASN C 280 -18.10 10.03 -16.11
CA ASN C 280 -18.30 9.68 -14.70
C ASN C 280 -18.54 10.92 -13.84
N LEU C 281 -18.89 12.05 -14.46
CA LEU C 281 -18.97 13.30 -13.72
C LEU C 281 -20.07 13.26 -12.66
N LEU C 282 -21.23 12.68 -12.99
CA LEU C 282 -22.31 12.61 -12.02
C LEU C 282 -21.93 11.74 -10.82
N SER C 283 -21.34 10.58 -11.09
CA SER C 283 -20.97 9.68 -10.00
C SER C 283 -19.85 10.26 -9.15
N LEU C 284 -18.81 10.81 -9.80
CA LEU C 284 -17.67 11.33 -9.05
C LEU C 284 -18.03 12.61 -8.30
N SER C 285 -19.03 13.35 -8.76
CA SER C 285 -19.46 14.55 -8.04
C SER C 285 -20.13 14.22 -6.71
N GLN C 286 -20.57 12.97 -6.53
CA GLN C 286 -21.26 12.55 -5.31
C GLN C 286 -20.34 11.81 -4.35
N GLU C 287 -19.03 11.95 -4.50
CA GLU C 287 -18.07 11.30 -3.63
C GLU C 287 -17.35 12.34 -2.78
N LYS C 288 -16.97 11.94 -1.56
CA LYS C 288 -16.39 12.88 -0.63
C LYS C 288 -15.06 13.44 -1.14
N PHE C 289 -14.24 12.60 -1.76
CA PHE C 289 -12.92 13.01 -2.20
C PHE C 289 -12.87 13.37 -3.69
N ALA C 290 -13.54 12.60 -4.55
CA ALA C 290 -13.49 12.87 -5.98
C ALA C 290 -14.19 14.17 -6.36
N SER C 291 -15.13 14.65 -5.54
CA SER C 291 -15.84 15.89 -5.87
C SER C 291 -14.90 17.09 -5.87
N HIS C 292 -13.86 17.07 -5.02
CA HIS C 292 -12.87 18.13 -5.07
C HIS C 292 -12.08 18.09 -6.37
N VAL C 293 -11.81 16.90 -6.88
CA VAL C 293 -11.12 16.76 -8.16
C VAL C 293 -12.00 17.28 -9.29
N VAL C 294 -13.30 16.97 -9.25
CA VAL C 294 -14.22 17.45 -10.28
C VAL C 294 -14.28 18.98 -10.27
N GLU C 295 -14.24 19.57 -9.08
CA GLU C 295 -14.23 21.02 -8.98
C GLU C 295 -12.99 21.61 -9.64
N LYS C 296 -11.82 21.03 -9.36
CA LYS C 296 -10.59 21.51 -9.97
C LYS C 296 -10.60 21.32 -11.48
N ALA C 297 -11.18 20.21 -11.94
CA ALA C 297 -11.27 19.97 -13.37
C ALA C 297 -12.14 21.02 -14.06
N PHE C 298 -13.27 21.37 -13.44
CA PHE C 298 -14.13 22.40 -14.01
C PHE C 298 -13.41 23.74 -14.07
N LEU C 299 -12.59 24.05 -13.07
CA LEU C 299 -11.96 25.36 -12.99
C LEU C 299 -10.78 25.52 -13.95
N HIS C 300 -10.06 24.44 -14.25
CA HIS C 300 -8.81 24.53 -14.97
C HIS C 300 -8.82 23.85 -16.34
N ALA C 301 -9.96 23.34 -16.78
CA ALA C 301 -9.96 22.68 -18.07
C ALA C 301 -9.99 23.69 -19.21
N PRO C 302 -9.33 23.38 -20.32
CA PRO C 302 -9.50 24.22 -21.52
C PRO C 302 -10.95 24.17 -22.00
N LEU C 303 -11.35 25.21 -22.74
CA LEU C 303 -12.74 25.38 -23.10
C LEU C 303 -13.26 24.19 -23.91
N GLU C 304 -12.39 23.54 -24.68
CA GLU C 304 -12.82 22.37 -25.44
C GLU C 304 -13.30 21.26 -24.52
N LEU C 305 -12.57 20.99 -23.43
CA LEU C 305 -12.99 19.98 -22.48
C LEU C 305 -14.06 20.50 -21.53
N LEU C 306 -14.00 21.78 -21.17
CA LEU C 306 -15.02 22.35 -20.28
C LEU C 306 -16.40 22.28 -20.90
N ALA C 307 -16.50 22.54 -22.21
CA ALA C 307 -17.79 22.44 -22.88
C ALA C 307 -18.32 21.02 -22.86
N GLU C 308 -17.44 20.03 -22.98
CA GLU C 308 -17.87 18.64 -22.88
C GLU C 308 -18.36 18.31 -21.48
N MET C 309 -17.72 18.89 -20.46
CA MET C 309 -18.11 18.60 -19.08
C MET C 309 -19.46 19.23 -18.74
N MET C 310 -19.69 20.46 -19.20
CA MET C 310 -21.00 21.08 -19.02
C MET C 310 -22.08 20.31 -19.77
N ASP C 311 -21.81 19.92 -21.02
CA ASP C 311 -22.80 19.21 -21.81
C ASP C 311 -23.15 17.85 -21.20
N GLU C 312 -22.20 17.21 -20.51
CA GLU C 312 -22.50 15.94 -19.87
C GLU C 312 -23.42 16.12 -18.68
N ILE C 313 -23.27 17.22 -17.94
CA ILE C 313 -24.10 17.46 -16.76
C ILE C 313 -25.53 17.78 -17.17
N PHE C 314 -25.71 18.65 -18.17
CA PHE C 314 -27.03 19.11 -18.52
C PHE C 314 -27.77 18.13 -19.43
N ASP C 315 -27.06 17.48 -20.36
CA ASP C 315 -27.71 16.65 -21.36
C ASP C 315 -27.09 15.27 -21.52
N GLY C 316 -26.13 14.90 -20.67
CA GLY C 316 -25.43 13.65 -20.84
C GLY C 316 -26.01 12.46 -20.11
N TYR C 317 -27.13 12.62 -19.40
CA TYR C 317 -27.70 11.54 -18.61
C TYR C 317 -29.20 11.46 -18.85
N ILE C 318 -29.71 10.24 -18.85
CA ILE C 318 -31.16 10.02 -18.98
C ILE C 318 -31.82 10.34 -17.65
N PRO C 319 -32.83 11.21 -17.61
CA PRO C 319 -33.49 11.53 -16.35
C PRO C 319 -34.14 10.30 -15.72
N HIS C 320 -34.37 10.39 -14.41
CA HIS C 320 -35.02 9.30 -13.70
C HIS C 320 -36.41 9.05 -14.28
N PRO C 321 -36.73 7.81 -14.66
CA PRO C 321 -38.06 7.57 -15.27
C PRO C 321 -39.21 7.75 -14.31
N ASP C 322 -38.98 7.74 -13.00
CA ASP C 322 -40.04 7.91 -12.02
C ASP C 322 -40.20 9.37 -11.58
N THR C 323 -39.11 9.97 -11.10
CA THR C 323 -39.16 11.33 -10.57
C THR C 323 -38.81 12.40 -11.59
N GLY C 324 -38.26 12.02 -12.75
CA GLY C 324 -37.86 12.99 -13.75
C GLY C 324 -36.64 13.81 -13.40
N LYS C 325 -35.99 13.52 -12.27
CA LYS C 325 -34.83 14.30 -11.85
C LYS C 325 -33.61 13.93 -12.70
N ASP C 326 -32.96 14.94 -13.26
CA ASP C 326 -31.78 14.72 -14.09
C ASP C 326 -30.53 14.79 -13.21
N ALA C 327 -29.35 14.80 -13.85
CA ALA C 327 -28.11 14.82 -13.10
C ALA C 327 -27.95 16.13 -12.31
N LEU C 328 -28.49 17.24 -12.83
CA LEU C 328 -28.38 18.51 -12.12
C LEU C 328 -29.18 18.49 -10.82
N ASP C 329 -30.37 17.89 -10.84
CA ASP C 329 -31.16 17.78 -9.61
C ASP C 329 -30.45 16.92 -8.58
N ILE C 330 -29.81 15.83 -9.01
CA ILE C 330 -29.15 14.93 -8.08
C ILE C 330 -27.99 15.64 -7.39
N MET C 331 -27.17 16.34 -8.16
CA MET C 331 -26.00 17.00 -7.59
C MET C 331 -26.38 18.21 -6.75
N MET C 332 -27.41 18.94 -7.18
CA MET C 332 -27.77 20.19 -6.49
C MET C 332 -28.19 19.93 -5.04
N PHE C 333 -28.74 18.75 -4.77
CA PHE C 333 -29.21 18.42 -3.42
C PHE C 333 -28.41 17.29 -2.79
N HIS C 334 -27.18 17.08 -3.22
CA HIS C 334 -26.30 16.10 -2.62
C HIS C 334 -25.31 16.79 -1.69
N GLN C 335 -24.93 16.08 -0.62
CA GLN C 335 -24.06 16.66 0.39
C GLN C 335 -22.70 17.06 -0.15
N PHE C 336 -22.29 16.50 -1.28
CA PHE C 336 -21.03 16.86 -1.93
C PHE C 336 -21.21 17.42 -3.33
N GLY C 337 -22.20 16.94 -4.09
CA GLY C 337 -22.42 17.45 -5.43
C GLY C 337 -22.85 18.90 -5.47
N ASN C 338 -23.44 19.41 -4.39
CA ASN C 338 -23.86 20.81 -4.38
C ASN C 338 -22.67 21.75 -4.53
N TYR C 339 -21.51 21.37 -4.01
CA TYR C 339 -20.32 22.17 -4.22
C TYR C 339 -19.89 22.16 -5.68
N VAL C 340 -20.09 21.05 -6.38
CA VAL C 340 -19.80 21.01 -7.81
C VAL C 340 -20.75 21.94 -8.57
N VAL C 341 -22.02 21.97 -8.17
CA VAL C 341 -22.98 22.85 -8.83
C VAL C 341 -22.62 24.31 -8.57
N GLN C 342 -22.22 24.64 -7.33
CA GLN C 342 -21.76 25.99 -7.05
C GLN C 342 -20.52 26.33 -7.85
N CYS C 343 -19.65 25.35 -8.09
CA CYS C 343 -18.47 25.60 -8.92
C CYS C 343 -18.87 25.88 -10.37
N MET C 344 -19.80 25.09 -10.91
CA MET C 344 -20.28 25.33 -12.26
C MET C 344 -20.96 26.69 -12.39
N LEU C 345 -21.64 27.13 -11.32
CA LEU C 345 -22.33 28.42 -11.36
C LEU C 345 -21.34 29.58 -11.35
N THR C 346 -20.30 29.49 -10.51
CA THR C 346 -19.31 30.55 -10.46
C THR C 346 -18.55 30.67 -11.77
N ILE C 347 -18.30 29.54 -12.43
CA ILE C 347 -17.59 29.57 -13.71
C ILE C 347 -18.40 30.31 -14.76
N CYS C 348 -19.71 30.02 -14.84
CA CYS C 348 -20.56 30.70 -15.79
C CYS C 348 -20.71 32.18 -15.45
N CYS C 349 -20.83 32.49 -14.14
CA CYS C 349 -20.96 33.87 -13.73
C CYS C 349 -19.69 34.67 -14.02
N ASP C 350 -18.52 34.04 -13.83
CA ASP C 350 -17.26 34.73 -14.14
C ASP C 350 -17.08 34.90 -15.64
N ALA C 351 -17.65 34.01 -16.44
CA ALA C 351 -17.51 34.11 -17.90
C ALA C 351 -18.38 35.23 -18.47
N VAL C 352 -19.58 35.42 -17.92
CA VAL C 352 -20.43 36.51 -18.38
C VAL C 352 -20.05 37.84 -17.74
N SER C 353 -19.36 37.82 -16.61
CA SER C 353 -18.85 39.05 -16.00
C SER C 353 -17.64 39.59 -16.74
N GLY C 354 -16.97 38.77 -17.55
CA GLY C 354 -15.81 39.18 -18.29
C GLY C 354 -14.50 38.63 -17.79
N ARG C 355 -14.52 37.80 -16.74
CA ARG C 355 -13.29 37.26 -16.18
C ARG C 355 -12.81 36.04 -16.97
N ARG C 356 -13.65 35.01 -17.07
CA ARG C 356 -13.27 33.79 -17.75
C ARG C 356 -13.29 33.98 -19.27
N GLN C 357 -12.41 33.25 -19.95
CA GLN C 357 -12.15 33.42 -21.38
C GLN C 357 -13.24 32.74 -22.20
N THR C 358 -13.65 33.40 -23.28
CA THR C 358 -14.85 33.08 -24.03
C THR C 358 -14.57 32.33 -25.33
N LYS C 359 -13.52 32.69 -26.04
CA LYS C 359 -13.30 32.26 -27.42
C LYS C 359 -12.49 30.98 -27.49
N GLU C 360 -12.75 30.18 -28.53
CA GLU C 360 -12.01 28.95 -28.78
C GLU C 360 -12.16 28.59 -30.25
N GLY C 361 -11.10 28.03 -30.82
CA GLY C 361 -11.11 27.63 -32.22
C GLY C 361 -11.25 28.80 -33.18
N ALA C 366 -18.94 32.55 -25.74
CA ALA C 366 -19.56 33.40 -24.73
C ALA C 366 -21.04 33.07 -24.58
N ILE C 367 -21.70 32.81 -25.72
CA ILE C 367 -23.11 32.47 -25.69
C ILE C 367 -23.32 31.08 -25.09
N SER C 368 -22.37 30.17 -25.30
CA SER C 368 -22.48 28.83 -24.69
C SER C 368 -22.45 28.93 -23.17
N PHE C 369 -21.59 29.81 -22.63
CA PHE C 369 -21.62 30.06 -21.20
C PHE C 369 -22.95 30.65 -20.75
N GLN C 370 -23.57 31.46 -21.62
CA GLN C 370 -24.84 32.07 -21.25
C GLN C 370 -25.99 31.05 -21.24
N ASP C 371 -25.92 30.05 -22.11
CA ASP C 371 -26.95 29.01 -22.10
C ASP C 371 -26.81 28.15 -20.84
N TRP C 372 -25.58 27.72 -20.51
CA TRP C 372 -25.36 26.97 -19.27
C TRP C 372 -25.81 27.77 -18.06
N LEU C 373 -25.54 29.08 -18.04
CA LEU C 373 -25.95 29.91 -16.91
C LEU C 373 -27.48 30.00 -16.82
N LYS C 374 -28.15 30.10 -17.97
CA LYS C 374 -29.59 30.31 -17.94
C LYS C 374 -30.33 29.05 -17.49
N LYS C 375 -29.84 27.86 -17.86
CA LYS C 375 -30.45 26.64 -17.37
C LYS C 375 -30.05 26.34 -15.93
N LEU C 376 -28.90 26.84 -15.49
CA LEU C 376 -28.60 26.85 -14.06
C LEU C 376 -29.48 27.85 -13.33
N HIS C 377 -29.72 29.01 -13.94
CA HIS C 377 -30.62 30.00 -13.36
C HIS C 377 -32.05 29.46 -13.29
N SER C 378 -32.52 28.84 -14.37
CA SER C 378 -33.89 28.34 -14.41
C SER C 378 -34.12 27.24 -13.38
N ARG C 379 -33.12 26.36 -13.20
CA ARG C 379 -33.27 25.28 -12.24
C ARG C 379 -33.29 25.79 -10.81
N VAL C 380 -32.45 26.79 -10.51
CA VAL C 380 -32.42 27.35 -9.17
C VAL C 380 -33.74 28.04 -8.85
N THR C 381 -34.26 28.84 -9.79
CA THR C 381 -35.53 29.52 -9.57
C THR C 381 -36.68 28.54 -9.46
N LYS C 382 -36.61 27.41 -10.18
CA LYS C 382 -37.67 26.40 -10.08
C LYS C 382 -37.70 25.79 -8.69
N GLU C 383 -36.54 25.58 -8.07
CA GLU C 383 -36.43 25.03 -6.73
C GLU C 383 -36.02 26.08 -5.72
N ARG C 384 -36.41 27.34 -5.94
CA ARG C 384 -35.91 28.44 -5.12
C ARG C 384 -36.38 28.35 -3.67
N HIS C 385 -37.55 27.74 -3.44
CA HIS C 385 -38.05 27.64 -2.07
C HIS C 385 -37.40 26.49 -1.32
N ARG C 386 -37.22 25.34 -1.97
CA ARG C 386 -36.51 24.24 -1.34
C ARG C 386 -35.04 24.58 -1.15
N LEU C 387 -34.43 25.25 -2.14
CA LEU C 387 -33.03 25.66 -2.02
C LEU C 387 -32.82 26.68 -0.91
N SER C 388 -33.82 27.53 -0.66
CA SER C 388 -33.69 28.54 0.38
C SER C 388 -33.57 27.94 1.78
N ARG C 389 -33.98 26.68 1.95
CA ARG C 389 -33.89 26.00 3.24
C ARG C 389 -32.54 25.34 3.47
N PHE C 390 -31.63 25.43 2.51
CA PHE C 390 -30.29 24.87 2.63
C PHE C 390 -29.26 25.97 2.47
N SER C 391 -28.16 25.89 3.24
CA SER C 391 -27.10 26.87 3.10
C SER C 391 -26.49 26.85 1.71
N SER C 392 -26.41 25.68 1.08
CA SER C 392 -25.89 25.60 -0.28
C SER C 392 -26.80 26.34 -1.26
N GLY C 393 -28.11 26.22 -1.10
CA GLY C 393 -29.02 26.87 -2.02
C GLY C 393 -29.06 28.37 -1.86
N LYS C 394 -28.96 28.86 -0.61
CA LYS C 394 -29.01 30.29 -0.39
C LYS C 394 -27.83 31.01 -1.02
N LYS C 395 -26.68 30.33 -1.13
CA LYS C 395 -25.53 30.96 -1.77
C LYS C 395 -25.62 30.90 -3.29
N MET C 396 -26.26 29.87 -3.84
CA MET C 396 -26.54 29.86 -5.27
C MET C 396 -27.47 31.01 -5.65
N ILE C 397 -28.48 31.28 -4.81
CA ILE C 397 -29.39 32.38 -5.08
C ILE C 397 -28.68 33.72 -4.97
N GLU C 398 -27.72 33.83 -4.03
CA GLU C 398 -27.07 35.11 -3.80
C GLU C 398 -26.21 35.52 -4.99
N THR C 399 -25.36 34.61 -5.49
CA THR C 399 -24.53 34.94 -6.63
C THR C 399 -25.35 35.12 -7.90
N LEU C 400 -26.44 34.37 -8.05
CA LEU C 400 -27.28 34.48 -9.23
C LEU C 400 -28.01 35.82 -9.29
N ALA C 401 -28.17 36.50 -8.17
CA ALA C 401 -28.82 37.80 -8.12
C ALA C 401 -27.85 38.96 -8.31
N ASN C 402 -26.70 38.71 -8.93
CA ASN C 402 -25.72 39.76 -9.18
C ASN C 402 -25.70 40.18 -10.64
N LEU E 7 -18.86 -8.10 -28.00
CA LEU E 7 -19.05 -7.84 -26.58
C LEU E 7 -18.70 -6.40 -26.22
N ARG E 8 -19.52 -5.79 -25.37
CA ARG E 8 -19.29 -4.41 -24.96
C ARG E 8 -18.15 -4.34 -23.94
N SER E 9 -17.38 -3.25 -24.02
CA SER E 9 -16.31 -3.00 -23.06
C SER E 9 -16.66 -1.93 -22.05
N GLN E 10 -17.63 -1.06 -22.34
CA GLN E 10 -17.99 0.03 -21.45
C GLN E 10 -19.08 -0.43 -20.50
N LYS E 11 -19.01 0.07 -19.26
CA LYS E 11 -20.00 -0.28 -18.24
C LYS E 11 -21.26 0.56 -18.43
N LEU E 12 -22.42 -0.08 -18.35
CA LEU E 12 -23.71 0.58 -18.49
C LEU E 12 -24.49 0.42 -17.19
N HIS E 13 -25.07 1.52 -16.71
CA HIS E 13 -25.83 1.51 -15.47
C HIS E 13 -27.33 1.55 -15.75
N LEU E 14 -28.08 0.92 -14.86
CA LEU E 14 -29.54 1.03 -14.83
C LEU E 14 -29.96 1.35 -13.41
N THR E 15 -31.00 2.17 -13.28
CA THR E 15 -31.45 2.62 -11.96
C THR E 15 -31.95 1.44 -11.14
N TYR E 16 -31.53 1.38 -9.89
CA TYR E 16 -31.89 0.27 -9.01
C TYR E 16 -33.35 0.37 -8.59
N ILE E 17 -33.95 -0.78 -8.30
CA ILE E 17 -35.32 -0.88 -7.81
C ILE E 17 -35.28 -1.55 -6.45
N GLU E 18 -35.85 -0.90 -5.44
CA GLU E 18 -35.89 -1.48 -4.10
C GLU E 18 -36.69 -2.77 -4.10
N LYS E 19 -36.38 -3.64 -3.13
CA LYS E 19 -37.08 -4.91 -3.03
C LYS E 19 -38.57 -4.71 -2.82
N ASN E 20 -38.95 -3.71 -2.03
CA ASN E 20 -40.36 -3.40 -1.77
C ASN E 20 -40.87 -2.31 -2.70
N LYS E 21 -40.58 -2.46 -3.99
CA LYS E 21 -41.05 -1.51 -5.01
C LYS E 21 -40.83 -2.08 -6.41
N GLY F 6 -28.38 19.18 5.85
CA GLY F 6 -28.93 17.83 5.79
C GLY F 6 -29.35 17.43 4.38
N LEU F 7 -28.37 17.29 3.50
CA LEU F 7 -28.63 16.90 2.13
C LEU F 7 -28.60 15.38 1.99
N ARG F 8 -28.80 14.89 0.77
CA ARG F 8 -28.85 13.45 0.54
C ARG F 8 -27.45 12.85 0.62
N SER F 9 -27.32 11.77 1.38
CA SER F 9 -26.04 11.09 1.56
C SER F 9 -25.88 9.88 0.64
N GLN F 10 -26.95 9.47 -0.05
CA GLN F 10 -26.90 8.31 -0.92
C GLN F 10 -26.53 8.73 -2.34
N LYS F 11 -25.78 7.87 -3.02
CA LYS F 11 -25.37 8.13 -4.40
C LYS F 11 -26.42 7.58 -5.35
N LEU F 12 -26.80 8.39 -6.34
CA LEU F 12 -27.79 8.01 -7.35
C LEU F 12 -27.14 8.12 -8.72
N HIS F 13 -27.00 6.99 -9.41
CA HIS F 13 -26.51 7.03 -10.77
C HIS F 13 -27.65 7.31 -11.75
N LEU F 14 -27.27 7.68 -12.97
CA LEU F 14 -28.20 7.80 -14.08
C LEU F 14 -27.53 7.20 -15.30
N THR F 15 -28.35 6.70 -16.23
CA THR F 15 -27.80 6.10 -17.44
C THR F 15 -27.20 7.18 -18.35
N TYR F 16 -25.94 6.98 -18.71
CA TYR F 16 -25.21 7.98 -19.48
C TYR F 16 -25.66 7.99 -20.94
N ILE F 17 -25.60 9.18 -21.54
CA ILE F 17 -25.93 9.37 -22.95
C ILE F 17 -24.64 9.76 -23.67
N GLU F 18 -24.17 8.90 -24.57
CA GLU F 18 -23.02 9.25 -25.39
C GLU F 18 -23.39 10.35 -26.37
N LYS F 19 -22.40 11.15 -26.75
CA LYS F 19 -22.63 12.33 -27.57
C LYS F 19 -23.01 11.90 -28.99
N ASN F 20 -24.26 11.46 -29.13
CA ASN F 20 -24.87 11.27 -30.43
C ASN F 20 -26.37 11.53 -30.31
N LYS F 21 -26.87 11.53 -29.08
CA LYS F 21 -28.28 11.76 -28.80
C LYS F 21 -28.46 13.03 -27.98
C1 GOL G . -40.87 -20.16 2.58
O1 GOL G . -39.81 -21.07 2.67
C2 GOL G . -40.53 -19.20 1.42
O2 GOL G . -40.68 -19.80 0.18
C3 GOL G . -41.49 -18.00 1.61
O3 GOL G . -41.05 -17.00 0.76
C1 EDO H . 26.06 -11.91 -5.04
O1 EDO H . 27.05 -12.27 -4.09
C2 EDO H . 24.85 -12.84 -4.89
O2 EDO H . 25.26 -14.19 -5.12
C1 EDO I . 38.66 -16.35 5.81
O1 EDO I . 38.13 -16.64 4.50
C2 EDO I . 37.95 -17.18 6.86
O2 EDO I . 38.78 -18.28 7.25
C1 EDO J . 17.76 -4.96 13.80
O1 EDO J . 18.50 -4.49 14.95
C2 EDO J . 17.28 -6.38 14.05
O2 EDO J . 15.87 -6.39 14.29
NA NA K . -12.70 -18.38 -18.82
C1 EDO L . 17.91 32.16 33.19
O1 EDO L . 17.63 31.77 31.85
C2 EDO L . 18.01 33.68 33.27
O2 EDO L . 16.75 34.26 32.87
#